data_3I0S
#
_entry.id   3I0S
#
_cell.length_a   119.608
_cell.length_b   154.692
_cell.length_c   155.817
_cell.angle_alpha   90.00
_cell.angle_beta   90.00
_cell.angle_gamma   90.00
#
_symmetry.space_group_name_H-M   'C 2 2 21'
#
loop_
_entity.id
_entity.type
_entity.pdbx_description
1 polymer 'Reverse transcriptase/ribonuclease H'
2 polymer 'p51 RT'
3 non-polymer 'S-{2-[(2-chloro-4-sulfamoylphenyl)amino]-2-oxoethyl} 6,8-dichloro-3,4-dihydroquinoline-1(2H)-carbothioate'
#
loop_
_entity_poly.entity_id
_entity_poly.type
_entity_poly.pdbx_seq_one_letter_code
_entity_poly.pdbx_strand_id
1 'polypeptide(L)'
;MNSPISPIETVPVKLKPGMDGPKVKQWPLTEEKIKALVEICTEMEKEGKISKIGPENPYNTPVFAIKKKDSTKWRKLVDF
RELNKRTQDFWEVQLGIPHPAGLKKKKSVTVLDVGDAYFSVPLDEDFRKYTAFTIPSINNETPGIRYQYNVLPQGWKGSP
AIFQSSMTKILEPFRKQNPDIVIYQYMDDLYVGSDLEIGQHRTKIEELRQHLLRWGLTTPDKKHQKEPPFLWMGYELHPD
KWTVQPIVLPEKDSWTVNDIQKLVGKLNWASQIYPGIKVRQLCKLLRGTKALTEVIPLTEEAELELAENREILKEPVHGV
YYDPSKDLIAEIQKQGQGQWTYQIYQEPFKNLKTGKYARMRGAHTNDVKQLTEAVQKITTESIVIWGKTPKFKLPIQKET
WETWWTEYWQATWIPEWEFVNTPPLVKLWYQLEKEPIVGAETFYVDGAANRETKLGKAGYVTNRGRQKVVTLTDTTNQKT
ELQAIYLALQDSGLEVNIVTDSQYALGIIQAQPDQSESELVNQIIEQLIKKEKVYLAWVPAHKGIGGNEQVDKLVSAGIR
KVL
;
A
2 'polypeptide(L)'
;MNSPISPIETVPVKLKPGMDGPKVKQWPLTEEKIKALVEICTEMEKEGKISKIGPENPYNTPVFAIKKKDSTKWRKLVDF
RELNKRTQDFWEVQLGIPHPAGLKKKKSVTVLDVGDAYFSVPLDEDFRKYTAFTIPSINNETPGIRYQYNVLPQGWKGSP
AIFQSSMTKILEPFRKQNPDIVIYQYMDDLYVGSDLEIGQHRTKIEELRQHLLRWGLTTPDKKHQKEPPFLWMGYELHPD
KWTVQPIVLPEKDSWTVNDIQKLVGKLNWASQIYPGIKVRQLCKLLRGTKALTEVIPLTEEAELELAENREILKEPVHGV
YYDPSKDLIAEIQKQGQGQWTYQIYQEPFKNLKTGKYARMRGAHTNDVKQLTEAVQKITTESIVIWGKTPKFKLPIQKET
WETWWTEYWQATWIPEWEFVNTPPLVKLWYQLEKEPIVGAETF
;
B
#
loop_
_chem_comp.id
_chem_comp.type
_chem_comp.name
_chem_comp.formula
RT7 non-polymer 'S-{2-[(2-chloro-4-sulfamoylphenyl)amino]-2-oxoethyl} 6,8-dichloro-3,4-dihydroquinoline-1(2H)-carbothioate' 'C18 H16 Cl3 N3 O4 S2'
#
# COMPACT_ATOMS: atom_id res chain seq x y z
N SER A 3 -38.24 25.06 10.61
CA SER A 3 -36.89 24.80 10.03
C SER A 3 -36.91 24.92 8.50
N PRO A 4 -36.02 25.74 7.95
CA PRO A 4 -36.00 25.95 6.51
C PRO A 4 -35.43 24.75 5.76
N ILE A 5 -35.68 24.71 4.45
CA ILE A 5 -35.26 23.62 3.61
C ILE A 5 -34.40 24.16 2.47
N SER A 6 -33.10 24.30 2.73
CA SER A 6 -32.12 24.82 1.79
C SER A 6 -32.60 24.78 0.33
N PRO A 7 -32.56 25.95 -0.34
CA PRO A 7 -32.99 26.05 -1.73
C PRO A 7 -32.03 25.38 -2.69
N ILE A 8 -30.86 24.97 -2.18
CA ILE A 8 -29.75 24.54 -3.03
C ILE A 8 -30.08 23.42 -4.00
N GLU A 9 -29.35 23.40 -5.10
CA GLU A 9 -29.45 22.37 -6.12
C GLU A 9 -29.56 20.98 -5.49
N THR A 10 -30.23 20.10 -6.21
CA THR A 10 -30.48 18.75 -5.79
C THR A 10 -29.37 17.84 -6.30
N VAL A 11 -29.12 16.73 -5.60
CA VAL A 11 -28.16 15.75 -6.08
C VAL A 11 -28.92 14.59 -6.68
N PRO A 12 -28.73 14.34 -7.97
CA PRO A 12 -29.44 13.26 -8.64
C PRO A 12 -29.04 11.91 -8.07
N VAL A 13 -30.02 11.05 -7.82
CA VAL A 13 -29.82 9.76 -7.20
C VAL A 13 -30.44 8.67 -8.06
N LYS A 14 -29.87 7.47 -8.06
CA LYS A 14 -30.40 6.35 -8.83
C LYS A 14 -30.48 5.11 -7.94
N LEU A 15 -31.38 4.20 -8.26
CA LEU A 15 -31.31 2.88 -7.69
C LEU A 15 -30.18 2.13 -8.42
N LYS A 16 -29.90 0.92 -7.98
CA LYS A 16 -28.87 0.12 -8.61
C LYS A 16 -29.39 -0.56 -9.85
N PRO A 17 -28.64 -0.46 -10.95
CA PRO A 17 -29.04 -1.03 -12.24
C PRO A 17 -29.79 -2.34 -12.08
N GLY A 18 -30.88 -2.48 -12.82
CA GLY A 18 -31.67 -3.71 -12.79
C GLY A 18 -32.25 -3.95 -11.41
N MET A 19 -32.58 -2.87 -10.71
CA MET A 19 -33.27 -3.00 -9.43
C MET A 19 -34.37 -1.96 -9.31
N ASP A 20 -35.45 -2.32 -8.62
CA ASP A 20 -36.62 -1.44 -8.48
C ASP A 20 -36.84 -1.10 -7.02
N GLY A 21 -37.51 0.01 -6.77
CA GLY A 21 -37.72 0.50 -5.40
C GLY A 21 -38.37 -0.49 -4.47
N PRO A 22 -38.45 -0.16 -3.17
CA PRO A 22 -38.95 -1.18 -2.26
C PRO A 22 -40.48 -1.31 -2.24
N LYS A 23 -40.95 -2.43 -1.73
CA LYS A 23 -42.37 -2.70 -1.63
C LYS A 23 -42.63 -3.64 -0.49
N VAL A 24 -42.04 -3.36 0.67
CA VAL A 24 -42.22 -4.25 1.81
C VAL A 24 -43.49 -3.86 2.56
N LYS A 25 -44.27 -4.87 2.93
CA LYS A 25 -45.62 -4.66 3.46
C LYS A 25 -45.56 -4.03 4.84
N GLN A 26 -46.53 -3.16 5.14
CA GLN A 26 -46.60 -2.52 6.45
C GLN A 26 -47.34 -3.41 7.41
N TRP A 27 -46.68 -3.77 8.50
CA TRP A 27 -47.32 -4.56 9.54
C TRP A 27 -48.37 -3.72 10.23
N PRO A 28 -49.35 -4.38 10.85
CA PRO A 28 -50.42 -3.70 11.58
C PRO A 28 -49.91 -3.14 12.90
N LEU A 29 -50.36 -1.94 13.28
CA LEU A 29 -49.91 -1.31 14.54
C LEU A 29 -51.01 -1.18 15.60
N THR A 30 -50.63 -0.93 16.84
CA THR A 30 -51.61 -0.59 17.87
C THR A 30 -52.17 0.81 17.61
N GLU A 31 -53.28 1.16 18.25
CA GLU A 31 -53.91 2.43 17.99
C GLU A 31 -53.10 3.61 18.52
N GLU A 32 -52.44 3.42 19.65
CA GLU A 32 -51.61 4.47 20.22
C GLU A 32 -50.45 4.78 19.31
N LYS A 33 -49.86 3.72 18.75
CA LYS A 33 -48.78 3.86 17.77
C LYS A 33 -49.28 4.59 16.52
N ILE A 34 -50.40 4.09 16.00
CA ILE A 34 -51.07 4.67 14.85
C ILE A 34 -51.36 6.16 15.07
N LYS A 35 -51.76 6.51 16.28
CA LYS A 35 -52.12 7.89 16.56
C LYS A 35 -50.86 8.75 16.63
N ALA A 36 -49.89 8.28 17.38
CA ALA A 36 -48.62 8.98 17.46
C ALA A 36 -48.05 9.31 16.09
N LEU A 37 -48.12 8.37 15.16
CA LEU A 37 -47.56 8.60 13.85
C LEU A 37 -48.36 9.67 13.13
N VAL A 38 -49.68 9.63 13.24
CA VAL A 38 -50.48 10.64 12.55
C VAL A 38 -50.08 12.04 13.01
N GLU A 39 -49.79 12.17 14.30
CA GLU A 39 -49.44 13.44 14.89
C GLU A 39 -48.07 13.84 14.42
N ILE A 40 -47.13 12.89 14.43
CA ILE A 40 -45.81 13.19 13.96
C ILE A 40 -45.82 13.57 12.47
N CYS A 41 -46.55 12.82 11.65
CA CYS A 41 -46.51 13.08 10.22
C CYS A 41 -47.13 14.40 9.77
N THR A 42 -48.25 14.80 10.36
CA THR A 42 -48.89 16.01 9.87
C THR A 42 -48.05 17.25 10.24
N GLU A 43 -47.34 17.18 11.36
CA GLU A 43 -46.36 18.21 11.72
C GLU A 43 -45.24 18.30 10.67
N MET A 44 -44.66 17.17 10.34
CA MET A 44 -43.64 17.09 9.30
C MET A 44 -44.21 17.57 7.97
N GLU A 45 -45.47 17.23 7.72
CA GLU A 45 -46.09 17.64 6.48
C GLU A 45 -46.27 19.14 6.48
N LYS A 46 -46.79 19.70 7.56
CA LYS A 46 -46.93 21.14 7.68
C LYS A 46 -45.61 21.79 7.34
N GLU A 47 -44.54 21.34 8.00
CA GLU A 47 -43.19 21.90 7.83
C GLU A 47 -42.55 21.65 6.47
N GLY A 48 -43.20 20.88 5.60
CA GLY A 48 -42.70 20.66 4.24
C GLY A 48 -41.82 19.42 4.10
N LYS A 49 -41.40 18.87 5.23
CA LYS A 49 -40.57 17.68 5.27
C LYS A 49 -41.16 16.47 4.54
N ILE A 50 -42.48 16.30 4.55
CA ILE A 50 -43.08 15.20 3.79
C ILE A 50 -44.31 15.62 2.99
N SER A 51 -44.79 14.73 2.14
CA SER A 51 -45.97 15.01 1.33
C SER A 51 -46.85 13.79 1.17
N LYS A 52 -48.16 14.01 1.16
CA LYS A 52 -49.09 12.90 1.01
C LYS A 52 -49.13 12.48 -0.44
N ILE A 53 -49.29 11.20 -0.69
CA ILE A 53 -49.40 10.71 -2.06
C ILE A 53 -50.58 9.76 -2.19
N GLY A 54 -51.00 9.49 -3.43
CA GLY A 54 -52.06 8.52 -3.67
C GLY A 54 -51.58 7.08 -3.49
N PRO A 55 -52.42 6.09 -3.89
CA PRO A 55 -52.01 4.69 -3.92
C PRO A 55 -51.65 4.26 -5.34
N GLU A 56 -51.51 5.24 -6.25
CA GLU A 56 -50.92 4.96 -7.56
C GLU A 56 -49.42 4.62 -7.41
N ASN A 57 -48.70 5.36 -6.57
CA ASN A 57 -47.34 5.02 -6.20
C ASN A 57 -47.30 3.63 -5.56
N PRO A 58 -46.46 2.74 -6.08
CA PRO A 58 -46.51 1.33 -5.67
C PRO A 58 -45.48 0.95 -4.65
N TYR A 59 -44.75 1.93 -4.14
CA TYR A 59 -43.62 1.63 -3.24
C TYR A 59 -44.00 1.71 -1.78
N ASN A 60 -43.30 0.96 -0.96
CA ASN A 60 -43.54 1.06 0.45
C ASN A 60 -42.38 0.62 1.36
N THR A 61 -42.19 1.37 2.45
CA THR A 61 -41.24 1.01 3.50
C THR A 61 -41.90 0.99 4.87
N PRO A 62 -41.71 -0.08 5.64
CA PRO A 62 -42.21 -0.15 7.00
C PRO A 62 -42.01 1.14 7.80
N VAL A 63 -43.04 1.49 8.57
CA VAL A 63 -42.91 2.50 9.62
C VAL A 63 -43.16 1.85 10.97
N PHE A 64 -42.40 2.25 11.96
CA PHE A 64 -42.70 1.86 13.32
C PHE A 64 -42.68 3.10 14.22
N ALA A 65 -43.04 2.92 15.48
CA ALA A 65 -43.01 4.01 16.45
C ALA A 65 -42.63 3.47 17.82
N ILE A 66 -41.59 4.05 18.40
CA ILE A 66 -41.16 3.67 19.74
C ILE A 66 -41.40 4.84 20.67
N LYS A 67 -41.40 4.55 21.98
CA LYS A 67 -41.75 5.54 22.98
C LYS A 67 -40.59 6.46 23.31
N LYS A 68 -39.98 6.25 24.46
CA LYS A 68 -38.84 7.09 24.85
C LYS A 68 -38.04 6.50 25.99
N LYS A 69 -36.74 6.32 25.75
CA LYS A 69 -35.81 6.02 26.82
C LYS A 69 -36.12 6.96 27.98
N ASP A 70 -37.02 6.53 28.87
CA ASP A 70 -37.37 7.37 30.02
C ASP A 70 -38.59 8.26 29.74
N SER A 71 -38.51 9.05 28.68
CA SER A 71 -39.46 10.15 28.43
C SER A 71 -40.89 9.74 28.04
N THR A 72 -41.61 10.71 27.51
CA THR A 72 -43.02 10.53 27.21
C THR A 72 -43.43 11.09 25.85
N LYS A 73 -42.45 11.27 24.97
CA LYS A 73 -42.78 11.60 23.61
C LYS A 73 -42.69 10.32 22.79
N TRP A 74 -43.01 10.44 21.51
CA TRP A 74 -42.96 9.33 20.59
C TRP A 74 -41.94 9.59 19.52
N ARG A 75 -41.30 8.53 19.05
CA ARG A 75 -40.35 8.65 17.97
C ARG A 75 -40.81 7.78 16.84
N LYS A 76 -40.67 8.28 15.62
CA LYS A 76 -41.06 7.54 14.45
C LYS A 76 -39.84 6.87 13.86
N LEU A 77 -39.92 5.56 13.63
CA LEU A 77 -38.82 4.82 12.99
C LEU A 77 -39.19 4.32 11.60
N VAL A 78 -38.45 4.74 10.60
CA VAL A 78 -38.67 4.24 9.25
C VAL A 78 -37.54 3.29 8.92
N ASP A 79 -37.86 2.06 8.54
CA ASP A 79 -36.83 1.05 8.37
C ASP A 79 -36.34 0.94 6.93
N PHE A 80 -35.32 1.72 6.61
CA PHE A 80 -34.88 1.86 5.22
C PHE A 80 -33.98 0.74 4.69
N ARG A 81 -33.85 -0.34 5.45
CA ARG A 81 -33.06 -1.47 5.00
C ARG A 81 -33.32 -1.81 3.54
N GLU A 82 -34.57 -2.06 3.18
CA GLU A 82 -34.86 -2.47 1.81
C GLU A 82 -34.49 -1.41 0.77
N LEU A 83 -34.81 -0.16 1.07
CA LEU A 83 -34.49 0.88 0.10
C LEU A 83 -32.99 1.02 0.06
N ASN A 84 -32.38 0.76 1.21
CA ASN A 84 -30.95 0.94 1.32
C ASN A 84 -30.20 -0.07 0.46
N LYS A 85 -30.74 -1.26 0.35
CA LYS A 85 -30.07 -2.30 -0.40
C LYS A 85 -30.27 -2.07 -1.89
N ARG A 86 -31.13 -1.13 -2.23
CA ARG A 86 -31.45 -0.87 -3.63
C ARG A 86 -30.93 0.49 -4.13
N THR A 87 -30.41 1.30 -3.21
CA THR A 87 -29.86 2.57 -3.59
C THR A 87 -28.41 2.43 -4.07
N GLN A 88 -28.04 3.18 -5.09
CA GLN A 88 -26.66 3.21 -5.53
C GLN A 88 -25.69 3.39 -4.35
N ASP A 89 -24.40 3.16 -4.60
CA ASP A 89 -23.36 3.56 -3.67
C ASP A 89 -22.99 5.02 -3.91
N PHE A 90 -22.55 5.72 -2.88
CA PHE A 90 -22.07 7.09 -3.04
C PHE A 90 -20.60 7.11 -2.73
N TRP A 91 -19.99 8.29 -2.82
CA TRP A 91 -18.59 8.45 -2.50
C TRP A 91 -18.45 8.48 -0.99
N GLU A 92 -17.45 7.82 -0.45
CA GLU A 92 -17.18 7.87 0.99
C GLU A 92 -17.22 9.27 1.63
N VAL A 93 -17.93 9.37 2.76
CA VAL A 93 -18.20 10.67 3.40
C VAL A 93 -16.91 11.41 3.73
N GLN A 94 -16.14 10.88 4.68
CA GLN A 94 -14.88 11.52 5.08
C GLN A 94 -13.80 10.46 5.34
N LEU A 95 -12.78 10.43 4.48
CA LEU A 95 -11.81 9.32 4.39
C LEU A 95 -10.81 9.13 5.56
N GLY A 96 -10.86 10.02 6.55
CA GLY A 96 -9.97 9.98 7.68
C GLY A 96 -10.39 11.15 8.53
N ILE A 97 -9.89 11.26 9.76
CA ILE A 97 -10.24 12.39 10.58
C ILE A 97 -9.00 13.13 10.98
N PRO A 98 -9.04 14.46 10.94
CA PRO A 98 -7.78 15.12 11.32
C PRO A 98 -7.29 14.55 12.64
N HIS A 99 -5.98 14.50 12.85
CA HIS A 99 -5.44 14.23 14.16
C HIS A 99 -5.13 15.58 14.78
N PRO A 100 -5.48 15.76 16.05
CA PRO A 100 -5.24 17.05 16.72
C PRO A 100 -3.81 17.55 16.57
N ALA A 101 -2.82 16.66 16.65
CA ALA A 101 -1.40 17.08 16.56
C ALA A 101 -1.08 17.74 15.22
N GLY A 102 -2.05 17.73 14.31
CA GLY A 102 -1.85 18.30 12.99
C GLY A 102 -2.53 19.64 12.80
N LEU A 103 -3.37 20.05 13.75
CA LEU A 103 -4.04 21.35 13.65
C LEU A 103 -3.08 22.51 13.90
N LYS A 104 -3.14 23.53 13.05
CA LYS A 104 -2.38 24.75 13.34
C LYS A 104 -3.04 25.52 14.46
N LYS A 105 -2.26 26.22 15.27
CA LYS A 105 -2.86 27.04 16.30
C LYS A 105 -3.59 28.21 15.69
N LYS A 106 -4.80 28.46 16.19
CA LYS A 106 -5.57 29.65 15.83
C LYS A 106 -5.70 30.58 17.04
N LYS A 107 -5.75 31.88 16.82
CA LYS A 107 -5.98 32.81 17.94
C LYS A 107 -7.33 32.52 18.57
N SER A 108 -8.35 32.40 17.74
CA SER A 108 -9.69 32.23 18.27
C SER A 108 -10.48 31.21 17.44
N VAL A 109 -11.23 30.32 18.11
CA VAL A 109 -12.05 29.30 17.43
C VAL A 109 -13.44 29.09 18.04
N THR A 110 -14.46 28.99 17.20
CA THR A 110 -15.80 28.72 17.71
C THR A 110 -16.53 27.62 16.95
N VAL A 111 -17.38 26.90 17.69
CA VAL A 111 -18.08 25.75 17.14
C VAL A 111 -19.53 26.08 16.84
N LEU A 112 -19.93 25.92 15.59
CA LEU A 112 -21.35 25.97 15.21
C LEU A 112 -21.86 24.58 14.87
N ASP A 113 -23.15 24.36 15.10
CA ASP A 113 -23.81 23.14 14.68
C ASP A 113 -25.13 23.47 13.96
N VAL A 114 -25.42 22.71 12.92
CA VAL A 114 -26.59 22.91 12.12
C VAL A 114 -27.84 22.29 12.80
N GLY A 115 -28.91 23.06 12.90
CA GLY A 115 -30.17 22.56 13.44
C GLY A 115 -30.86 21.65 12.43
N ASP A 116 -31.08 20.41 12.81
CA ASP A 116 -31.80 19.48 11.95
C ASP A 116 -31.16 19.29 10.57
N ALA A 117 -29.87 19.01 10.57
CA ALA A 117 -29.12 18.88 9.32
C ALA A 117 -29.92 18.28 8.14
N TYR A 118 -30.32 17.01 8.28
CA TYR A 118 -30.91 16.25 7.16
C TYR A 118 -32.19 16.86 6.62
N PHE A 119 -33.01 17.39 7.51
CA PHE A 119 -34.30 17.91 7.07
C PHE A 119 -34.10 19.25 6.36
N SER A 120 -32.99 19.92 6.64
CA SER A 120 -32.76 21.19 5.99
C SER A 120 -32.38 21.07 4.53
N VAL A 121 -32.30 19.86 3.98
CA VAL A 121 -31.85 19.70 2.58
C VAL A 121 -32.68 18.74 1.73
N PRO A 122 -33.00 19.18 0.52
CA PRO A 122 -34.00 18.58 -0.36
C PRO A 122 -33.53 17.29 -0.96
N LEU A 123 -34.47 16.46 -1.39
CA LEU A 123 -34.16 15.15 -1.97
C LEU A 123 -34.54 15.08 -3.45
N ASP A 124 -33.63 14.69 -4.30
CA ASP A 124 -33.95 14.55 -5.71
C ASP A 124 -35.41 14.07 -5.98
N GLU A 125 -36.17 14.96 -6.62
CA GLU A 125 -37.58 14.74 -6.96
C GLU A 125 -37.87 13.38 -7.54
N ASP A 126 -37.09 13.00 -8.53
CA ASP A 126 -37.35 11.76 -9.20
C ASP A 126 -37.04 10.61 -8.26
N PHE A 127 -36.63 10.93 -7.03
CA PHE A 127 -36.32 9.87 -6.09
C PHE A 127 -37.33 9.66 -4.99
N ARG A 128 -38.01 10.75 -4.62
CA ARG A 128 -38.91 10.77 -3.47
C ARG A 128 -39.90 9.64 -3.47
N LYS A 129 -40.36 9.30 -4.67
CA LYS A 129 -41.39 8.29 -4.82
C LYS A 129 -40.96 6.99 -4.18
N TYR A 130 -39.68 6.71 -4.17
CA TYR A 130 -39.25 5.45 -3.60
C TYR A 130 -39.24 5.48 -2.09
N THR A 131 -39.50 6.65 -1.50
CA THR A 131 -39.50 6.75 -0.04
C THR A 131 -40.87 6.58 0.57
N ALA A 132 -41.85 6.24 -0.27
CA ALA A 132 -43.23 6.01 0.18
C ALA A 132 -43.30 5.22 1.49
N PHE A 133 -44.07 5.73 2.44
CA PHE A 133 -44.44 4.90 3.58
C PHE A 133 -45.95 5.02 3.88
N THR A 134 -46.44 4.18 4.77
CA THR A 134 -47.88 4.07 5.01
C THR A 134 -48.22 3.95 6.49
N ILE A 135 -48.84 4.98 7.07
CA ILE A 135 -49.43 4.78 8.38
C ILE A 135 -50.74 4.03 8.15
N PRO A 136 -50.84 2.83 8.72
CA PRO A 136 -52.03 2.04 8.46
C PRO A 136 -53.21 2.53 9.28
N SER A 137 -54.42 2.17 8.85
CA SER A 137 -55.62 2.45 9.65
C SER A 137 -55.86 1.40 10.74
N ILE A 138 -56.93 1.57 11.51
CA ILE A 138 -57.15 0.68 12.65
C ILE A 138 -57.62 -0.69 12.17
N ASN A 139 -56.76 -1.68 12.36
CA ASN A 139 -56.90 -2.96 11.67
C ASN A 139 -56.69 -2.84 10.18
N ASN A 140 -56.85 -3.96 9.47
CA ASN A 140 -56.75 -3.96 8.03
C ASN A 140 -57.57 -2.85 7.36
N GLU A 141 -58.85 -2.72 7.76
CA GLU A 141 -59.79 -1.91 6.98
C GLU A 141 -59.19 -0.56 6.60
N THR A 142 -59.78 0.10 5.62
CA THR A 142 -59.30 1.41 5.15
C THR A 142 -57.91 1.35 4.53
N PRO A 143 -57.72 2.06 3.41
CA PRO A 143 -56.35 2.26 2.97
C PRO A 143 -55.63 3.10 4.02
N GLY A 144 -54.35 2.82 4.26
CA GLY A 144 -53.58 3.67 5.17
C GLY A 144 -53.37 5.06 4.61
N ILE A 145 -52.77 5.94 5.41
CA ILE A 145 -52.35 7.25 4.92
C ILE A 145 -50.93 7.11 4.36
N ARG A 146 -50.66 7.82 3.27
CA ARG A 146 -49.44 7.61 2.50
C ARG A 146 -48.67 8.88 2.25
N TYR A 147 -47.40 8.85 2.62
CA TYR A 147 -46.50 9.98 2.46
C TYR A 147 -45.23 9.57 1.75
N GLN A 148 -44.46 10.56 1.36
CA GLN A 148 -43.15 10.33 0.81
C GLN A 148 -42.28 11.51 1.26
N TYR A 149 -40.97 11.34 1.21
CA TYR A 149 -40.03 12.40 1.64
C TYR A 149 -39.68 13.43 0.58
N ASN A 150 -39.45 14.67 1.04
CA ASN A 150 -38.89 15.76 0.20
C ASN A 150 -37.50 16.22 0.68
N VAL A 151 -37.10 15.77 1.86
CA VAL A 151 -35.75 16.03 2.32
C VAL A 151 -35.02 14.72 2.61
N LEU A 152 -33.77 14.80 3.07
CA LEU A 152 -32.98 13.59 3.32
C LEU A 152 -33.55 12.84 4.51
N PRO A 153 -33.90 11.57 4.29
CA PRO A 153 -34.52 10.84 5.40
C PRO A 153 -33.46 10.35 6.39
N GLN A 154 -33.82 10.22 7.66
CA GLN A 154 -32.90 9.66 8.64
C GLN A 154 -32.68 8.19 8.32
N GLY A 155 -31.44 7.73 8.31
CA GLY A 155 -31.16 6.32 8.06
C GLY A 155 -31.20 5.84 6.61
N TRP A 156 -31.47 6.72 5.67
CA TRP A 156 -31.29 6.37 4.27
C TRP A 156 -29.83 6.50 3.85
N LYS A 157 -29.42 5.59 2.96
CA LYS A 157 -28.01 5.39 2.62
C LYS A 157 -27.30 6.61 2.09
N GLY A 158 -28.03 7.54 1.48
CA GLY A 158 -27.41 8.65 0.76
C GLY A 158 -27.33 9.92 1.58
N SER A 159 -27.86 9.88 2.79
CA SER A 159 -28.04 11.12 3.51
C SER A 159 -26.75 11.72 3.98
N PRO A 160 -25.93 10.93 4.70
CA PRO A 160 -24.65 11.48 5.10
C PRO A 160 -23.88 12.12 3.94
N ALA A 161 -23.79 11.45 2.80
CA ALA A 161 -23.00 11.95 1.66
C ALA A 161 -23.52 13.26 1.05
N ILE A 162 -24.82 13.31 0.82
CA ILE A 162 -25.43 14.44 0.16
C ILE A 162 -25.47 15.64 1.08
N PHE A 163 -25.86 15.43 2.33
CA PHE A 163 -25.74 16.53 3.29
C PHE A 163 -24.36 17.18 3.27
N GLN A 164 -23.32 16.35 3.41
CA GLN A 164 -21.98 16.88 3.54
C GLN A 164 -21.59 17.46 2.20
N SER A 165 -21.96 16.78 1.14
CA SER A 165 -21.71 17.33 -0.17
C SER A 165 -22.38 18.70 -0.31
N SER A 166 -23.58 18.83 0.25
CA SER A 166 -24.29 20.09 0.26
C SER A 166 -23.54 21.13 1.08
N MET A 167 -23.28 20.82 2.33
CA MET A 167 -22.52 21.73 3.18
C MET A 167 -21.24 22.28 2.48
N THR A 168 -20.59 21.46 1.65
CA THR A 168 -19.39 21.92 0.95
C THR A 168 -19.74 22.98 -0.09
N LYS A 169 -20.64 22.61 -1.01
CA LYS A 169 -21.19 23.51 -2.00
C LYS A 169 -21.51 24.86 -1.39
N ILE A 170 -22.27 24.84 -0.31
CA ILE A 170 -22.68 26.04 0.40
C ILE A 170 -21.54 26.85 1.04
N LEU A 171 -20.47 26.18 1.45
CA LEU A 171 -19.37 26.91 2.11
C LEU A 171 -18.37 27.46 1.10
N GLU A 172 -18.28 26.78 -0.04
CA GLU A 172 -17.21 27.05 -1.00
C GLU A 172 -16.87 28.52 -1.14
N PRO A 173 -17.86 29.35 -1.53
CA PRO A 173 -17.60 30.77 -1.70
C PRO A 173 -17.04 31.37 -0.40
N PHE A 174 -17.87 31.46 0.64
CA PHE A 174 -17.40 32.03 1.90
C PHE A 174 -15.93 31.71 2.13
N ARG A 175 -15.56 30.45 1.93
CA ARG A 175 -14.15 30.07 2.01
C ARG A 175 -13.35 30.98 1.10
N LYS A 176 -13.60 30.86 -0.21
CA LYS A 176 -12.96 31.70 -1.23
C LYS A 176 -12.65 33.12 -0.75
N GLN A 177 -13.68 33.82 -0.31
CA GLN A 177 -13.50 35.18 0.17
C GLN A 177 -13.16 35.23 1.65
N ASN A 178 -12.32 34.29 2.09
CA ASN A 178 -11.95 34.20 3.50
C ASN A 178 -10.86 33.16 3.70
N PRO A 179 -9.84 33.19 2.83
CA PRO A 179 -8.84 32.14 2.75
C PRO A 179 -8.15 31.87 4.07
N ASP A 180 -8.05 32.88 4.93
CA ASP A 180 -7.35 32.75 6.22
C ASP A 180 -8.25 32.31 7.35
N ILE A 181 -9.40 31.74 7.02
CA ILE A 181 -10.25 31.16 8.05
C ILE A 181 -10.48 29.71 7.70
N VAL A 182 -10.15 28.83 8.62
CA VAL A 182 -10.36 27.41 8.37
C VAL A 182 -11.61 26.93 9.07
N ILE A 183 -12.40 26.18 8.33
CA ILE A 183 -13.63 25.60 8.81
C ILE A 183 -13.44 24.11 8.67
N TYR A 184 -13.72 23.37 9.73
CA TYR A 184 -13.71 21.92 9.61
C TYR A 184 -15.13 21.35 9.74
N GLN A 185 -15.55 20.56 8.76
CA GLN A 185 -16.87 19.91 8.74
C GLN A 185 -16.83 18.51 9.38
N TYR A 186 -17.62 18.31 10.42
CA TYR A 186 -17.76 16.98 10.97
C TYR A 186 -19.21 16.76 11.33
N MET A 187 -19.84 15.85 10.60
CA MET A 187 -21.25 15.55 10.82
C MET A 187 -22.08 16.83 10.71
N ASP A 188 -22.75 17.28 11.77
CA ASP A 188 -23.38 18.59 11.67
C ASP A 188 -22.75 19.55 12.64
N ASP A 189 -21.43 19.48 12.73
CA ASP A 189 -20.66 20.51 13.42
C ASP A 189 -19.72 21.22 12.46
N LEU A 190 -19.43 22.46 12.80
CA LEU A 190 -18.47 23.24 12.09
C LEU A 190 -17.46 23.70 13.10
N TYR A 191 -16.19 23.54 12.79
CA TYR A 191 -15.15 24.13 13.61
C TYR A 191 -14.56 25.28 12.84
N VAL A 192 -14.57 26.45 13.47
CA VAL A 192 -14.20 27.68 12.81
C VAL A 192 -13.17 28.45 13.62
N GLY A 193 -12.00 28.61 13.01
CA GLY A 193 -10.89 29.26 13.69
C GLY A 193 -10.27 30.26 12.75
N SER A 194 -9.69 31.29 13.33
CA SER A 194 -9.00 32.30 12.56
C SER A 194 -8.00 32.95 13.50
N ASP A 195 -7.21 33.87 12.96
CA ASP A 195 -6.21 34.59 13.75
C ASP A 195 -6.53 36.07 13.84
N LEU A 196 -7.82 36.39 13.70
CA LEU A 196 -8.31 37.74 13.95
C LEU A 196 -8.59 37.91 15.44
N GLU A 197 -8.32 39.10 15.97
CA GLU A 197 -8.68 39.41 17.35
C GLU A 197 -10.18 39.24 17.51
N ILE A 198 -10.61 38.83 18.70
CA ILE A 198 -12.03 38.55 18.94
C ILE A 198 -12.94 39.49 18.15
N GLY A 199 -12.53 40.75 18.03
CA GLY A 199 -13.21 41.69 17.14
C GLY A 199 -13.99 40.99 16.07
N GLN A 200 -13.58 41.14 14.81
CA GLN A 200 -14.34 40.53 13.72
C GLN A 200 -14.04 39.06 13.60
N HIS A 201 -13.73 38.43 14.73
CA HIS A 201 -13.90 37.00 14.79
C HIS A 201 -15.40 36.77 14.91
N ARG A 202 -15.99 37.40 15.94
CA ARG A 202 -17.42 37.33 16.17
C ARG A 202 -18.18 37.90 14.98
N THR A 203 -17.70 39.02 14.49
CA THR A 203 -18.24 39.62 13.29
C THR A 203 -18.24 38.59 12.18
N LYS A 204 -17.03 38.13 11.89
CA LYS A 204 -16.78 37.17 10.82
C LYS A 204 -17.63 35.91 11.03
N ILE A 205 -17.76 35.48 12.29
CA ILE A 205 -18.69 34.43 12.65
C ILE A 205 -20.11 34.78 12.20
N GLU A 206 -20.54 35.99 12.55
CA GLU A 206 -21.85 36.49 12.18
C GLU A 206 -22.07 36.44 10.69
N GLU A 207 -21.07 36.87 9.93
CA GLU A 207 -21.15 36.82 8.49
C GLU A 207 -21.33 35.38 7.99
N LEU A 208 -20.68 34.44 8.68
CA LEU A 208 -20.80 33.03 8.34
C LEU A 208 -22.24 32.61 8.60
N ARG A 209 -22.72 32.88 9.81
CA ARG A 209 -24.08 32.53 10.16
C ARG A 209 -25.09 33.03 9.12
N GLN A 210 -25.02 34.31 8.77
CA GLN A 210 -25.96 34.83 7.79
C GLN A 210 -25.84 34.01 6.52
N HIS A 211 -24.62 33.84 6.03
CA HIS A 211 -24.42 33.10 4.80
C HIS A 211 -25.09 31.74 4.88
N LEU A 212 -25.02 31.13 6.06
CA LEU A 212 -25.63 29.82 6.24
C LEU A 212 -27.13 29.95 6.23
N LEU A 213 -27.62 30.96 6.96
CA LEU A 213 -29.05 31.12 7.08
C LEU A 213 -29.66 31.48 5.74
N ARG A 214 -28.88 32.14 4.89
CA ARG A 214 -29.37 32.47 3.57
C ARG A 214 -29.62 31.21 2.74
N TRP A 215 -29.03 30.10 3.14
CA TRP A 215 -29.18 28.88 2.36
C TRP A 215 -30.06 27.85 3.08
N GLY A 216 -30.79 28.33 4.06
CA GLY A 216 -31.70 27.46 4.81
C GLY A 216 -31.01 26.62 5.86
N LEU A 217 -30.00 27.20 6.51
CA LEU A 217 -29.25 26.50 7.54
C LEU A 217 -29.05 27.39 8.76
N THR A 218 -29.57 26.93 9.88
CA THR A 218 -29.64 27.75 11.09
C THR A 218 -28.69 27.23 12.16
N THR A 219 -28.15 28.13 12.99
CA THR A 219 -27.14 27.74 13.96
C THR A 219 -27.19 28.60 15.21
N PRO A 220 -26.61 28.09 16.30
CA PRO A 220 -26.59 28.84 17.55
C PRO A 220 -25.92 30.23 17.41
N ASP A 221 -26.09 31.05 18.43
CA ASP A 221 -25.54 32.41 18.46
C ASP A 221 -24.75 32.56 19.75
N LYS A 222 -23.97 33.63 19.86
CA LYS A 222 -23.15 33.78 21.04
C LYS A 222 -23.96 33.28 22.24
N LYS A 223 -23.28 32.97 23.35
CA LYS A 223 -23.94 32.46 24.54
C LYS A 223 -24.71 31.15 24.30
N HIS A 224 -24.76 30.70 23.05
CA HIS A 224 -25.35 29.38 22.74
C HIS A 224 -24.26 28.37 22.42
N GLN A 225 -23.09 28.85 22.03
CA GLN A 225 -22.07 27.95 21.49
C GLN A 225 -21.18 27.31 22.54
N LYS A 226 -20.93 26.02 22.35
CA LYS A 226 -20.04 25.28 23.22
C LYS A 226 -18.88 26.18 23.63
N GLU A 227 -18.30 25.86 24.79
CA GLU A 227 -17.05 26.49 25.24
C GLU A 227 -15.95 25.45 25.40
N PRO A 228 -14.70 25.87 25.19
CA PRO A 228 -13.52 24.99 25.20
C PRO A 228 -13.21 24.57 26.63
N PRO A 229 -12.75 23.32 26.82
CA PRO A 229 -12.31 22.44 25.75
C PRO A 229 -13.48 21.83 25.00
N PHE A 230 -13.43 21.87 23.68
CA PHE A 230 -14.35 21.12 22.87
C PHE A 230 -13.95 19.65 22.89
N LEU A 231 -14.82 18.79 23.41
CA LEU A 231 -14.62 17.35 23.35
C LEU A 231 -14.93 16.96 21.95
N TRP A 232 -14.25 15.95 21.43
CA TRP A 232 -14.49 15.55 20.05
C TRP A 232 -13.75 14.30 19.71
N MET A 233 -14.43 13.38 19.04
CA MET A 233 -13.78 12.20 18.52
C MET A 233 -12.85 11.57 19.59
N GLY A 234 -13.03 11.95 20.85
CA GLY A 234 -12.33 11.30 21.95
C GLY A 234 -11.27 12.18 22.57
N TYR A 235 -11.05 13.33 21.94
CA TYR A 235 -10.02 14.23 22.38
C TYR A 235 -10.58 15.40 23.16
N GLU A 236 -9.67 16.20 23.64
CA GLU A 236 -9.96 17.39 24.36
C GLU A 236 -9.19 18.46 23.62
N LEU A 237 -9.85 19.51 23.16
CA LEU A 237 -9.14 20.55 22.42
C LEU A 237 -9.12 21.83 23.24
N HIS A 238 -7.91 22.36 23.50
CA HIS A 238 -7.76 23.60 24.26
C HIS A 238 -7.11 24.68 23.45
N PRO A 239 -7.17 25.90 23.96
CA PRO A 239 -6.60 27.04 23.26
C PRO A 239 -5.12 26.83 22.88
N ASP A 240 -4.37 26.12 23.73
CA ASP A 240 -2.92 25.97 23.54
C ASP A 240 -2.44 24.55 23.55
N LYS A 241 -3.35 23.60 23.61
CA LYS A 241 -2.94 22.21 23.64
C LYS A 241 -4.12 21.31 23.36
N TRP A 242 -3.83 20.01 23.29
CA TRP A 242 -4.87 19.03 23.06
C TRP A 242 -4.44 17.83 23.84
N THR A 243 -5.35 16.89 24.06
CA THR A 243 -5.02 15.68 24.79
C THR A 243 -6.20 14.74 24.73
N VAL A 244 -5.98 13.47 25.02
CA VAL A 244 -7.07 12.53 24.98
C VAL A 244 -7.99 12.76 26.18
N GLN A 245 -9.25 12.36 26.02
CA GLN A 245 -10.24 12.53 27.06
C GLN A 245 -9.95 11.64 28.24
N PRO A 246 -10.39 12.08 29.41
CA PRO A 246 -10.05 11.47 30.68
C PRO A 246 -10.10 9.95 30.61
N ILE A 247 -9.06 9.31 31.10
CA ILE A 247 -9.01 7.86 31.16
C ILE A 247 -8.95 7.40 32.61
N VAL A 248 -9.79 6.44 32.96
CA VAL A 248 -9.77 5.88 34.32
C VAL A 248 -9.61 4.36 34.32
N LEU A 249 -8.50 3.88 34.86
CA LEU A 249 -8.30 2.46 35.00
C LEU A 249 -8.89 1.94 36.30
N PRO A 250 -10.05 1.27 36.20
CA PRO A 250 -10.83 0.86 37.39
C PRO A 250 -10.02 0.10 38.45
N GLU A 251 -10.34 0.38 39.72
CA GLU A 251 -9.85 -0.40 40.84
C GLU A 251 -10.61 -1.70 40.80
N LYS A 252 -9.90 -2.83 40.81
CA LYS A 252 -10.57 -4.07 40.56
C LYS A 252 -9.86 -5.24 41.18
N ASP A 253 -10.60 -6.07 41.93
CA ASP A 253 -10.05 -7.29 42.50
C ASP A 253 -9.91 -8.38 41.48
N SER A 254 -10.88 -8.48 40.58
CA SER A 254 -10.86 -9.59 39.64
C SER A 254 -11.05 -9.06 38.23
N TRP A 255 -10.31 -9.65 37.28
CA TRP A 255 -10.45 -9.22 35.89
C TRP A 255 -11.10 -10.25 34.97
N THR A 256 -12.16 -9.82 34.29
CA THR A 256 -12.77 -10.65 33.28
C THR A 256 -12.16 -10.30 31.93
N VAL A 257 -12.26 -11.22 30.98
CA VAL A 257 -11.82 -10.96 29.61
C VAL A 257 -12.27 -9.56 29.19
N ASN A 258 -13.51 -9.23 29.54
CA ASN A 258 -14.15 -8.00 29.11
C ASN A 258 -13.56 -6.74 29.76
N ASP A 259 -13.13 -6.82 31.02
CA ASP A 259 -12.48 -5.66 31.66
C ASP A 259 -11.13 -5.42 31.03
N ILE A 260 -10.49 -6.51 30.60
CA ILE A 260 -9.14 -6.40 30.11
C ILE A 260 -9.15 -5.90 28.68
N GLN A 261 -10.11 -6.37 27.90
CA GLN A 261 -10.30 -5.87 26.56
C GLN A 261 -10.51 -4.38 26.60
N LYS A 262 -11.37 -3.93 27.50
CA LYS A 262 -11.62 -2.50 27.62
C LYS A 262 -10.39 -1.71 28.06
N LEU A 263 -9.70 -2.18 29.10
CA LEU A 263 -8.41 -1.64 29.54
C LEU A 263 -7.42 -1.51 28.40
N VAL A 264 -7.24 -2.60 27.65
CA VAL A 264 -6.24 -2.54 26.59
C VAL A 264 -6.59 -1.43 25.63
N GLY A 265 -7.90 -1.21 25.45
CA GLY A 265 -8.40 -0.24 24.50
C GLY A 265 -8.18 1.17 24.99
N LYS A 266 -8.30 1.38 26.29
CA LYS A 266 -8.06 2.72 26.79
C LYS A 266 -6.58 3.04 26.81
N LEU A 267 -5.76 2.01 27.03
CA LEU A 267 -4.33 2.25 27.07
C LEU A 267 -3.84 2.61 25.68
N ASN A 268 -4.18 1.77 24.71
CA ASN A 268 -3.88 2.06 23.30
C ASN A 268 -4.22 3.50 22.95
N TRP A 269 -5.44 3.91 23.30
CA TRP A 269 -5.90 5.25 22.99
C TRP A 269 -5.02 6.29 23.69
N ALA A 270 -4.78 6.04 24.99
CA ALA A 270 -3.87 6.84 25.81
C ALA A 270 -2.48 6.96 25.22
N SER A 271 -2.03 5.94 24.51
CA SER A 271 -0.68 6.03 24.05
C SER A 271 -0.38 7.05 22.92
N GLN A 272 -1.35 7.85 22.48
CA GLN A 272 -1.05 8.84 21.43
C GLN A 272 -0.40 10.06 22.02
N ILE A 273 -0.35 10.14 23.35
CA ILE A 273 0.22 11.33 24.00
C ILE A 273 0.93 10.99 25.31
N TYR A 274 0.56 9.90 25.98
CA TYR A 274 1.33 9.35 27.11
C TYR A 274 2.45 8.39 26.66
N PRO A 275 3.71 8.83 26.75
CA PRO A 275 4.77 7.98 26.23
C PRO A 275 5.01 6.83 27.15
N GLY A 276 5.43 5.71 26.60
CA GLY A 276 5.86 4.58 27.41
C GLY A 276 4.75 3.64 27.84
N ILE A 277 3.50 3.95 27.49
CA ILE A 277 2.38 3.06 27.80
C ILE A 277 2.68 1.65 27.28
N LYS A 278 2.53 0.63 28.12
CA LYS A 278 2.79 -0.72 27.64
C LYS A 278 1.55 -1.56 27.72
N VAL A 279 1.53 -2.62 26.94
CA VAL A 279 0.29 -3.35 26.77
C VAL A 279 0.53 -4.85 26.51
N ARG A 280 1.78 -5.23 26.21
CA ARG A 280 2.07 -6.60 25.80
C ARG A 280 1.59 -7.61 26.81
N GLN A 281 2.03 -7.48 28.05
CA GLN A 281 1.65 -8.42 29.10
C GLN A 281 0.16 -8.56 29.20
N LEU A 282 -0.55 -7.43 29.20
CA LEU A 282 -2.01 -7.44 29.24
C LEU A 282 -2.57 -8.22 28.05
N CYS A 283 -2.06 -7.94 26.86
CA CYS A 283 -2.52 -8.66 25.69
C CYS A 283 -2.26 -10.14 25.83
N LYS A 284 -1.04 -10.48 26.20
CA LYS A 284 -0.69 -11.86 26.37
C LYS A 284 -1.85 -12.62 27.04
N LEU A 285 -2.46 -12.00 28.04
CA LEU A 285 -3.51 -12.68 28.77
C LEU A 285 -4.66 -13.14 27.86
N LEU A 286 -4.99 -12.33 26.86
CA LEU A 286 -6.19 -12.55 26.06
C LEU A 286 -6.19 -13.77 25.13
N ARG A 287 -5.01 -14.17 24.67
CA ARG A 287 -4.94 -15.22 23.64
C ARG A 287 -5.62 -16.55 24.02
N GLY A 288 -6.16 -17.25 23.02
CA GLY A 288 -6.89 -18.52 23.23
C GLY A 288 -8.13 -18.36 24.09
N THR A 289 -8.73 -17.18 24.04
CA THR A 289 -9.66 -16.73 25.07
C THR A 289 -10.91 -17.60 25.36
N LYS A 290 -11.46 -17.39 26.56
CA LYS A 290 -12.73 -18.00 26.96
C LYS A 290 -13.84 -16.96 26.79
N ALA A 291 -14.88 -17.07 27.62
CA ALA A 291 -15.99 -16.13 27.56
C ALA A 291 -15.58 -14.73 27.99
N LEU A 292 -16.40 -13.73 27.66
CA LEU A 292 -16.22 -12.38 28.19
C LEU A 292 -16.31 -12.32 29.72
N THR A 293 -17.14 -13.20 30.30
CA THR A 293 -17.43 -13.14 31.73
C THR A 293 -16.39 -13.88 32.55
N GLU A 294 -15.43 -14.50 31.88
CA GLU A 294 -14.41 -15.26 32.58
C GLU A 294 -13.37 -14.37 33.23
N VAL A 295 -13.03 -14.70 34.47
CA VAL A 295 -11.99 -14.03 35.20
C VAL A 295 -10.64 -14.55 34.75
N ILE A 296 -9.67 -13.65 34.62
CA ILE A 296 -8.30 -14.06 34.31
C ILE A 296 -7.36 -13.59 35.40
N PRO A 297 -6.65 -14.53 36.02
CA PRO A 297 -5.62 -14.21 37.02
C PRO A 297 -4.51 -13.34 36.41
N LEU A 298 -4.20 -12.21 37.02
CA LEU A 298 -3.20 -11.31 36.47
C LEU A 298 -1.77 -11.78 36.68
N THR A 299 -1.18 -12.29 35.62
CA THR A 299 0.24 -12.54 35.59
C THR A 299 1.07 -11.48 36.31
N GLU A 300 2.24 -11.88 36.77
CA GLU A 300 3.11 -10.98 37.54
C GLU A 300 3.72 -9.89 36.66
N GLU A 301 4.13 -10.25 35.45
CA GLU A 301 4.57 -9.26 34.47
C GLU A 301 3.37 -8.34 34.13
N ALA A 302 2.21 -8.95 33.89
CA ALA A 302 0.97 -8.21 33.63
C ALA A 302 0.72 -7.18 34.73
N GLU A 303 1.13 -7.54 35.94
CA GLU A 303 0.95 -6.69 37.11
C GLU A 303 1.93 -5.53 37.11
N LEU A 304 3.20 -5.85 36.89
CA LEU A 304 4.21 -4.80 36.85
C LEU A 304 3.80 -3.87 35.73
N GLU A 305 3.33 -4.47 34.63
CA GLU A 305 2.84 -3.69 33.49
C GLU A 305 1.64 -2.80 33.84
N LEU A 306 0.59 -3.37 34.43
CA LEU A 306 -0.52 -2.54 34.87
C LEU A 306 -0.03 -1.43 35.78
N ALA A 307 0.89 -1.78 36.67
CA ALA A 307 1.35 -0.84 37.67
C ALA A 307 2.08 0.30 37.01
N GLU A 308 3.08 -0.03 36.21
CA GLU A 308 3.83 1.00 35.54
C GLU A 308 2.91 1.87 34.67
N ASN A 309 1.78 1.32 34.25
CA ASN A 309 0.83 2.11 33.51
C ASN A 309 0.06 3.10 34.38
N ARG A 310 -0.36 2.69 35.56
CA ARG A 310 -1.06 3.63 36.44
C ARG A 310 -0.09 4.78 36.76
N GLU A 311 1.17 4.41 36.91
CA GLU A 311 2.25 5.37 37.18
C GLU A 311 2.29 6.48 36.12
N ILE A 312 2.37 6.06 34.86
CA ILE A 312 2.36 6.98 33.74
C ILE A 312 1.12 7.87 33.74
N LEU A 313 -0.05 7.29 33.95
CA LEU A 313 -1.30 8.04 33.86
C LEU A 313 -1.46 8.96 35.06
N LYS A 314 -0.66 8.71 36.09
CA LYS A 314 -0.69 9.53 37.29
C LYS A 314 -0.43 10.97 36.90
N GLU A 315 -1.46 11.79 36.83
CA GLU A 315 -1.25 13.20 36.44
C GLU A 315 -1.19 13.46 34.92
N PRO A 316 -1.87 14.52 34.48
CA PRO A 316 -2.11 14.83 33.07
C PRO A 316 -0.87 15.05 32.21
N VAL A 317 -1.00 14.70 30.92
CA VAL A 317 -0.05 15.07 29.88
C VAL A 317 -0.79 15.63 28.66
N HIS A 318 -0.23 16.60 27.96
CA HIS A 318 -0.94 17.15 26.80
C HIS A 318 -0.04 17.20 25.60
N GLY A 319 -0.63 17.37 24.42
CA GLY A 319 0.13 17.59 23.21
C GLY A 319 -0.02 19.02 22.74
N VAL A 320 0.96 19.52 22.00
CA VAL A 320 0.92 20.86 21.42
C VAL A 320 0.37 20.77 20.03
N TYR A 321 0.04 21.93 19.45
CA TYR A 321 -0.46 21.99 18.08
C TYR A 321 0.70 22.19 17.13
N TYR A 322 0.40 22.32 15.85
CA TYR A 322 1.45 22.24 14.85
C TYR A 322 1.83 23.58 14.27
N ASP A 323 3.13 23.86 14.25
CA ASP A 323 3.64 25.07 13.65
C ASP A 323 4.37 24.76 12.37
N PRO A 324 3.77 25.12 11.23
CA PRO A 324 4.33 24.79 9.93
C PRO A 324 5.64 25.49 9.63
N SER A 325 6.02 26.46 10.45
CA SER A 325 7.26 27.16 10.17
C SER A 325 8.45 26.58 10.95
N LYS A 326 8.28 25.39 11.50
CA LYS A 326 9.39 24.75 12.20
C LYS A 326 9.50 23.30 11.79
N ASP A 327 10.51 22.61 12.29
CA ASP A 327 10.72 21.24 11.81
C ASP A 327 9.94 20.21 12.62
N LEU A 328 10.05 18.97 12.15
CA LEU A 328 9.45 17.85 12.83
C LEU A 328 10.57 16.89 13.18
N ILE A 329 10.71 16.58 14.45
CA ILE A 329 11.72 15.63 14.82
C ILE A 329 10.98 14.45 15.36
N ALA A 330 11.33 13.25 14.90
CA ALA A 330 10.81 12.03 15.49
C ALA A 330 11.94 11.21 16.13
N GLU A 331 11.74 10.82 17.40
CA GLU A 331 12.67 9.98 18.14
C GLU A 331 12.04 8.63 18.40
N ILE A 332 12.83 7.56 18.37
CA ILE A 332 12.28 6.24 18.67
C ILE A 332 13.13 5.51 19.71
N GLN A 333 12.51 4.91 20.72
CA GLN A 333 13.28 4.07 21.65
C GLN A 333 12.82 2.65 21.56
N LYS A 334 13.77 1.71 21.60
CA LYS A 334 13.44 0.31 21.75
C LYS A 334 12.98 0.11 23.18
N GLN A 335 11.78 -0.45 23.36
CA GLN A 335 11.24 -0.67 24.70
C GLN A 335 11.43 -2.11 25.15
N GLY A 336 11.64 -3.02 24.21
CA GLY A 336 11.95 -4.39 24.58
C GLY A 336 11.23 -5.37 23.71
N GLN A 337 10.89 -6.51 24.28
CA GLN A 337 10.26 -7.60 23.53
C GLN A 337 9.48 -7.14 22.30
N GLY A 338 10.20 -6.72 21.26
CA GLY A 338 9.59 -6.25 20.00
C GLY A 338 8.71 -5.01 20.15
N GLN A 339 8.98 -4.22 21.17
CA GLN A 339 8.14 -3.07 21.45
C GLN A 339 8.92 -1.78 21.25
N TRP A 340 8.35 -0.90 20.45
CA TRP A 340 8.99 0.36 20.11
C TRP A 340 8.08 1.51 20.51
N THR A 341 8.70 2.65 20.77
CA THR A 341 8.02 3.75 21.35
C THR A 341 8.60 4.94 20.61
N TYR A 342 7.80 5.99 20.43
CA TYR A 342 8.24 7.18 19.71
C TYR A 342 7.57 8.48 20.10
N GLN A 343 8.25 9.58 19.87
CA GLN A 343 7.67 10.87 20.17
C GLN A 343 7.98 11.78 19.01
N ILE A 344 7.04 12.65 18.69
CA ILE A 344 7.27 13.64 17.65
C ILE A 344 7.09 15.02 18.24
N TYR A 345 8.06 15.88 17.99
CA TYR A 345 7.95 17.24 18.50
C TYR A 345 8.56 18.17 17.50
N GLN A 346 8.50 19.45 17.80
CA GLN A 346 9.15 20.41 16.95
C GLN A 346 10.24 21.06 17.75
N GLU A 347 9.96 21.28 19.02
CA GLU A 347 10.88 21.92 19.91
C GLU A 347 11.18 20.97 21.07
N PRO A 348 12.48 20.64 21.24
CA PRO A 348 12.94 19.59 22.14
C PRO A 348 12.06 19.41 23.37
N PHE A 349 11.21 18.40 23.26
CA PHE A 349 10.54 17.76 24.36
C PHE A 349 9.15 18.24 24.61
N LYS A 350 8.71 19.26 23.85
CA LYS A 350 7.28 19.63 23.80
C LYS A 350 6.58 18.87 22.67
N ASN A 351 6.13 17.65 22.98
CA ASN A 351 5.55 16.72 22.02
C ASN A 351 4.31 17.18 21.28
N LEU A 352 4.28 16.99 19.96
CA LEU A 352 3.02 17.06 19.26
C LEU A 352 2.22 15.78 19.54
N LYS A 353 2.88 14.63 19.37
CA LYS A 353 2.24 13.37 19.72
C LYS A 353 3.25 12.27 20.00
N THR A 354 2.76 11.16 20.54
CA THR A 354 3.56 9.98 20.80
C THR A 354 2.84 8.79 20.19
N GLY A 355 3.44 7.62 20.30
CA GLY A 355 2.90 6.42 19.69
C GLY A 355 3.82 5.25 19.97
N LYS A 356 3.35 4.05 19.66
CA LYS A 356 4.17 2.87 19.83
C LYS A 356 4.05 1.98 18.61
N TYR A 357 5.04 1.12 18.39
CA TYR A 357 4.95 0.14 17.35
C TYR A 357 5.46 -1.17 17.93
N ALA A 358 4.74 -2.26 17.70
CA ALA A 358 5.16 -3.55 18.19
C ALA A 358 5.18 -4.58 17.06
N ARG A 359 4.13 -4.54 16.24
CA ARG A 359 3.86 -5.64 15.30
C ARG A 359 5.05 -6.60 15.13
N MET A 360 4.78 -7.90 15.27
CA MET A 360 5.70 -8.92 14.79
C MET A 360 5.59 -9.00 13.25
N ARG A 361 6.58 -8.48 12.53
CA ARG A 361 6.53 -8.56 11.06
C ARG A 361 7.36 -9.73 10.52
N GLY A 362 6.71 -10.89 10.35
CA GLY A 362 7.41 -12.13 10.01
C GLY A 362 7.49 -13.02 11.24
N ALA A 363 8.07 -14.20 11.07
CA ALA A 363 8.28 -15.11 12.21
C ALA A 363 9.63 -14.80 12.90
N HIS A 364 10.68 -14.65 12.10
CA HIS A 364 12.00 -14.37 12.64
C HIS A 364 12.39 -12.99 12.21
N THR A 365 12.98 -12.25 13.12
CA THR A 365 13.30 -10.88 12.79
C THR A 365 14.40 -10.37 13.69
N ASN A 366 14.98 -9.23 13.33
CA ASN A 366 15.96 -8.61 14.19
C ASN A 366 15.70 -7.12 14.39
N ASP A 367 16.17 -6.61 15.52
CA ASP A 367 16.00 -5.23 15.88
C ASP A 367 16.17 -4.27 14.69
N VAL A 368 17.07 -4.55 13.76
CA VAL A 368 17.34 -3.56 12.75
C VAL A 368 16.18 -3.50 11.76
N LYS A 369 15.61 -4.66 11.47
CA LYS A 369 14.43 -4.74 10.66
C LYS A 369 13.25 -4.09 11.38
N GLN A 370 13.15 -4.27 12.69
CA GLN A 370 12.03 -3.66 13.40
C GLN A 370 12.10 -2.13 13.41
N LEU A 371 13.27 -1.61 13.78
CA LEU A 371 13.55 -0.21 13.76
C LEU A 371 13.05 0.39 12.46
N THR A 372 13.47 -0.19 11.33
CA THR A 372 13.15 0.46 10.08
C THR A 372 11.69 0.24 9.66
N GLU A 373 11.03 -0.73 10.27
CA GLU A 373 9.61 -0.88 10.05
C GLU A 373 8.85 0.20 10.80
N ALA A 374 9.27 0.43 12.04
CA ALA A 374 8.75 1.56 12.79
C ALA A 374 8.96 2.88 12.04
N VAL A 375 10.10 3.03 11.37
CA VAL A 375 10.39 4.30 10.69
C VAL A 375 9.41 4.48 9.53
N GLN A 376 9.13 3.39 8.83
CA GLN A 376 8.18 3.41 7.74
C GLN A 376 6.82 3.84 8.23
N LYS A 377 6.38 3.21 9.30
CA LYS A 377 5.05 3.42 9.77
C LYS A 377 4.92 4.85 10.28
N ILE A 378 5.90 5.31 11.04
CA ILE A 378 5.91 6.71 11.46
C ILE A 378 5.99 7.67 10.24
N THR A 379 6.68 7.25 9.19
CA THR A 379 6.86 8.13 8.05
C THR A 379 5.54 8.36 7.35
N THR A 380 4.78 7.28 7.11
CA THR A 380 3.45 7.36 6.54
C THR A 380 2.54 8.21 7.40
N GLU A 381 2.53 7.96 8.69
CA GLU A 381 1.70 8.76 9.54
C GLU A 381 2.01 10.27 9.40
N SER A 382 3.29 10.66 9.27
CA SER A 382 3.60 12.09 9.20
C SER A 382 3.03 12.69 7.94
N ILE A 383 3.20 11.98 6.84
CA ILE A 383 2.68 12.51 5.59
C ILE A 383 1.17 12.73 5.74
N VAL A 384 0.47 11.77 6.32
CA VAL A 384 -0.94 11.98 6.51
C VAL A 384 -1.18 13.21 7.36
N ILE A 385 -0.50 13.31 8.48
CA ILE A 385 -0.84 14.38 9.41
C ILE A 385 -0.30 15.75 9.05
N TRP A 386 0.94 15.82 8.54
CA TRP A 386 1.58 17.11 8.35
C TRP A 386 1.95 17.35 6.89
N GLY A 387 1.82 16.33 6.06
CA GLY A 387 2.22 16.47 4.66
C GLY A 387 3.73 16.55 4.42
N LYS A 388 4.53 16.22 5.44
CA LYS A 388 5.95 16.00 5.25
C LYS A 388 6.55 14.96 6.21
N THR A 389 7.73 14.42 5.88
CA THR A 389 8.35 13.43 6.74
C THR A 389 9.20 14.17 7.77
N PRO A 390 9.34 13.62 8.98
CA PRO A 390 10.11 14.24 10.04
C PRO A 390 11.57 13.88 9.91
N LYS A 391 12.45 14.66 10.51
CA LYS A 391 13.86 14.31 10.60
C LYS A 391 13.96 13.30 11.72
N PHE A 392 14.60 12.17 11.48
CA PHE A 392 14.61 11.09 12.47
C PHE A 392 15.81 11.08 13.45
N LYS A 393 15.58 10.66 14.67
CA LYS A 393 16.67 10.46 15.59
C LYS A 393 16.53 9.05 16.14
N LEU A 394 17.51 8.20 15.81
CA LEU A 394 17.42 6.75 16.02
C LEU A 394 18.56 6.21 16.88
N PRO A 395 18.27 5.16 17.65
CA PRO A 395 19.24 4.53 18.55
C PRO A 395 20.09 3.49 17.85
N ILE A 396 20.70 3.88 16.74
CA ILE A 396 21.48 2.95 15.96
C ILE A 396 22.61 3.69 15.24
N GLN A 397 23.84 3.22 15.41
CA GLN A 397 24.98 3.87 14.76
C GLN A 397 24.79 3.92 13.27
N LYS A 398 25.30 4.96 12.63
CA LYS A 398 25.35 5.02 11.18
C LYS A 398 26.02 3.79 10.55
N GLU A 399 27.12 3.36 11.16
CA GLU A 399 27.88 2.19 10.70
C GLU A 399 27.07 0.92 10.72
N THR A 400 26.42 0.65 11.83
CA THR A 400 25.62 -0.54 11.90
C THR A 400 24.61 -0.52 10.77
N TRP A 401 23.87 0.59 10.67
CA TRP A 401 22.85 0.69 9.67
C TRP A 401 23.43 0.44 8.29
N GLU A 402 24.54 1.11 7.99
CA GLU A 402 25.24 0.98 6.71
C GLU A 402 25.66 -0.43 6.43
N THR A 403 26.21 -1.11 7.43
CA THR A 403 26.58 -2.50 7.23
C THR A 403 25.34 -3.22 6.77
N TRP A 404 24.32 -3.21 7.62
CA TRP A 404 23.14 -4.01 7.38
C TRP A 404 22.45 -3.73 6.05
N TRP A 405 22.13 -2.47 5.77
CA TRP A 405 21.34 -2.13 4.57
C TRP A 405 22.10 -2.64 3.35
N THR A 406 23.38 -2.37 3.36
CA THR A 406 24.26 -2.67 2.25
C THR A 406 24.28 -4.12 1.86
N GLU A 407 24.23 -5.00 2.83
CA GLU A 407 24.37 -6.41 2.53
C GLU A 407 23.05 -7.14 2.42
N TYR A 408 21.97 -6.54 2.90
CA TYR A 408 20.67 -7.21 2.92
C TYR A 408 20.12 -7.38 1.51
N TRP A 409 19.44 -8.48 1.25
CA TRP A 409 18.96 -8.71 -0.12
C TRP A 409 17.93 -7.66 -0.54
N GLN A 410 17.02 -7.39 0.37
CA GLN A 410 15.88 -6.54 0.10
C GLN A 410 16.21 -5.04 0.12
N ALA A 411 15.52 -4.27 -0.71
CA ALA A 411 15.81 -2.85 -0.85
C ALA A 411 15.23 -2.09 0.31
N THR A 412 15.93 -1.05 0.72
CA THR A 412 15.56 -0.39 1.93
C THR A 412 15.80 1.08 1.77
N TRP A 413 15.33 1.86 2.73
CA TRP A 413 15.61 3.29 2.71
C TRP A 413 15.14 3.90 3.99
N ILE A 414 15.65 5.08 4.30
CA ILE A 414 15.21 5.82 5.47
C ILE A 414 15.49 7.30 5.22
N PRO A 415 14.47 8.14 5.42
CA PRO A 415 14.68 9.58 5.33
C PRO A 415 15.75 10.06 6.32
N GLU A 416 16.19 11.30 6.15
CA GLU A 416 17.17 11.94 7.03
C GLU A 416 17.10 11.53 8.51
N TRP A 417 18.20 11.01 9.03
CA TRP A 417 18.30 10.73 10.47
C TRP A 417 19.69 10.94 11.05
N GLU A 418 19.75 10.80 12.36
CA GLU A 418 20.97 10.99 13.08
C GLU A 418 20.94 10.03 14.22
N PHE A 419 22.12 9.53 14.59
CA PHE A 419 22.27 8.63 15.72
C PHE A 419 21.99 9.43 16.98
N VAL A 420 21.43 8.76 17.99
CA VAL A 420 21.27 9.40 19.29
C VAL A 420 21.56 8.36 20.34
N ASN A 421 22.35 8.72 21.33
CA ASN A 421 22.84 7.71 22.24
C ASN A 421 21.97 7.40 23.44
N THR A 422 20.93 6.60 23.23
CA THR A 422 20.01 6.22 24.31
C THR A 422 19.92 4.69 24.38
N PRO A 423 20.63 4.06 25.33
CA PRO A 423 20.50 2.60 25.37
C PRO A 423 19.06 2.21 25.62
N PRO A 424 18.62 1.01 25.20
CA PRO A 424 19.40 -0.01 24.50
C PRO A 424 19.66 0.41 23.10
N LEU A 425 20.91 0.32 22.63
CA LEU A 425 21.26 0.62 21.25
C LEU A 425 20.90 -0.56 20.34
N VAL A 426 20.67 -0.30 19.06
CA VAL A 426 20.36 -1.38 18.13
C VAL A 426 21.62 -1.86 17.43
N LYS A 427 21.79 -3.17 17.39
CA LYS A 427 23.02 -3.74 16.84
C LYS A 427 22.75 -5.15 16.36
N LEU A 428 23.59 -5.63 15.44
CA LEU A 428 23.50 -7.04 15.04
C LEU A 428 24.22 -7.93 16.06
N TRP A 429 23.57 -8.99 16.53
CA TRP A 429 24.19 -9.86 17.52
C TRP A 429 25.17 -10.94 17.02
N TYR A 430 25.41 -11.03 15.71
CA TYR A 430 26.44 -11.91 15.14
C TYR A 430 26.57 -11.69 13.64
N GLN A 431 27.72 -12.06 13.09
CA GLN A 431 27.94 -12.01 11.64
C GLN A 431 28.33 -13.40 11.16
N LEU A 432 27.72 -13.88 10.09
CA LEU A 432 28.20 -15.06 9.40
C LEU A 432 29.48 -14.69 8.65
N GLU A 433 30.36 -15.66 8.44
CA GLU A 433 31.58 -15.42 7.67
C GLU A 433 31.24 -15.25 6.21
N LYS A 434 32.13 -14.64 5.44
CA LYS A 434 32.00 -14.65 3.98
C LYS A 434 32.80 -15.81 3.41
N GLU A 435 33.74 -16.31 4.21
CA GLU A 435 34.69 -17.34 3.78
C GLU A 435 34.63 -18.55 4.68
N PRO A 436 35.01 -19.72 4.14
CA PRO A 436 35.24 -20.90 4.95
C PRO A 436 36.39 -20.65 5.93
N ILE A 437 36.27 -21.18 7.14
CA ILE A 437 37.28 -21.00 8.17
C ILE A 437 38.34 -22.11 8.15
N VAL A 438 39.59 -21.76 7.89
CA VAL A 438 40.66 -22.76 7.86
C VAL A 438 40.91 -23.36 9.25
N GLY A 439 41.06 -24.68 9.30
CA GLY A 439 41.36 -25.32 10.58
C GLY A 439 40.24 -25.15 11.60
N ALA A 440 39.01 -25.08 11.10
CA ALA A 440 37.81 -25.23 11.91
C ALA A 440 37.07 -26.42 11.33
N GLU A 441 36.45 -27.22 12.19
CA GLU A 441 35.83 -28.45 11.72
C GLU A 441 34.65 -28.16 10.80
N THR A 442 34.59 -28.81 9.66
CA THR A 442 33.38 -28.77 8.84
C THR A 442 32.36 -29.79 9.35
N PHE A 443 31.14 -29.31 9.61
CA PHE A 443 30.01 -30.19 9.85
C PHE A 443 29.14 -30.25 8.59
N TYR A 444 28.84 -31.45 8.11
CA TYR A 444 27.83 -31.60 7.10
C TYR A 444 26.57 -32.09 7.80
N VAL A 445 25.56 -31.24 7.89
CA VAL A 445 24.34 -31.58 8.64
C VAL A 445 23.21 -32.01 7.73
N ASP A 446 22.22 -32.67 8.31
CA ASP A 446 21.06 -33.03 7.52
C ASP A 446 19.91 -33.55 8.34
N GLY A 447 18.71 -33.41 7.79
CA GLY A 447 17.47 -33.78 8.45
C GLY A 447 16.52 -34.46 7.48
N ALA A 448 15.72 -35.38 8.00
CA ALA A 448 14.71 -36.06 7.21
C ALA A 448 13.50 -36.43 8.09
N ALA A 449 12.29 -36.30 7.54
CA ALA A 449 11.07 -36.61 8.28
C ALA A 449 10.10 -37.50 7.47
N ASN A 450 9.42 -38.40 8.16
CA ASN A 450 8.47 -39.30 7.53
C ASN A 450 7.06 -38.72 7.56
N ARG A 451 6.52 -38.42 6.39
CA ARG A 451 5.23 -37.74 6.30
C ARG A 451 4.12 -38.50 7.00
N GLU A 452 4.30 -39.83 7.08
CA GLU A 452 3.32 -40.71 7.69
C GLU A 452 3.45 -40.68 9.22
N THR A 453 4.55 -41.25 9.71
CA THR A 453 4.75 -41.39 11.14
C THR A 453 5.01 -40.05 11.80
N LYS A 454 5.45 -39.08 11.00
CA LYS A 454 5.90 -37.80 11.53
C LYS A 454 7.13 -37.94 12.43
N LEU A 455 7.79 -39.09 12.35
CA LEU A 455 9.03 -39.27 13.08
C LEU A 455 10.17 -38.79 12.21
N GLY A 456 11.21 -38.26 12.83
CA GLY A 456 12.31 -37.71 12.08
C GLY A 456 13.66 -38.03 12.71
N LYS A 457 14.68 -38.10 11.86
CA LYS A 457 16.04 -38.19 12.31
C LYS A 457 16.75 -36.91 11.96
N ALA A 458 17.70 -36.50 12.79
CA ALA A 458 18.54 -35.34 12.51
C ALA A 458 19.94 -35.63 13.01
N GLY A 459 20.94 -35.18 12.26
CA GLY A 459 22.33 -35.45 12.62
C GLY A 459 23.36 -34.83 11.69
N TYR A 460 24.60 -35.30 11.82
CA TYR A 460 25.70 -34.74 11.06
C TYR A 460 26.88 -35.69 10.93
N VAL A 461 27.76 -35.34 10.00
CA VAL A 461 29.03 -36.03 9.93
C VAL A 461 30.04 -34.93 9.65
N THR A 462 31.08 -34.82 10.46
CA THR A 462 32.11 -33.82 10.23
C THR A 462 33.19 -34.40 9.30
N ASN A 463 34.42 -33.93 9.41
CA ASN A 463 35.47 -34.34 8.49
C ASN A 463 36.70 -34.75 9.27
N ARG A 464 36.61 -34.61 10.59
CA ARG A 464 37.48 -35.28 11.55
C ARG A 464 36.78 -36.56 12.02
N GLY A 465 35.85 -37.06 11.18
CA GLY A 465 35.20 -38.34 11.41
C GLY A 465 34.13 -38.38 12.49
N ARG A 466 33.92 -37.26 13.16
CA ARG A 466 32.85 -37.23 14.15
C ARG A 466 31.49 -37.42 13.48
N GLN A 467 30.49 -37.79 14.27
CA GLN A 467 29.22 -38.24 13.72
C GLN A 467 28.17 -38.28 14.81
N LYS A 468 26.90 -38.14 14.45
CA LYS A 468 25.84 -38.19 15.44
C LYS A 468 24.48 -38.14 14.75
N VAL A 469 23.50 -38.76 15.35
CA VAL A 469 22.17 -38.80 14.77
C VAL A 469 21.14 -38.85 15.88
N VAL A 470 20.19 -37.94 15.87
CA VAL A 470 19.17 -37.92 16.88
C VAL A 470 17.83 -38.27 16.28
N THR A 471 16.86 -38.68 17.12
CA THR A 471 15.52 -38.92 16.62
C THR A 471 14.51 -37.93 17.19
N LEU A 472 13.43 -37.74 16.46
CA LEU A 472 12.47 -36.71 16.78
C LEU A 472 11.13 -37.33 16.44
N THR A 473 10.10 -37.03 17.22
CA THR A 473 8.92 -37.88 17.17
C THR A 473 7.65 -37.27 16.56
N ASP A 474 7.57 -35.96 16.47
CA ASP A 474 6.43 -35.38 15.79
C ASP A 474 6.90 -34.11 15.09
N THR A 475 7.77 -34.29 14.10
CA THR A 475 8.40 -33.15 13.46
C THR A 475 8.03 -33.05 12.02
N THR A 476 8.78 -32.19 11.33
CA THR A 476 8.61 -31.90 9.93
C THR A 476 10.02 -31.78 9.38
N ASN A 477 10.15 -31.82 8.06
CA ASN A 477 11.45 -31.55 7.46
C ASN A 477 12.04 -30.24 7.95
N GLN A 478 11.26 -29.18 7.90
CA GLN A 478 11.80 -27.91 8.31
C GLN A 478 12.42 -28.04 9.70
N LYS A 479 11.69 -28.70 10.59
CA LYS A 479 12.15 -28.91 11.95
C LYS A 479 13.42 -29.77 12.02
N THR A 480 13.44 -30.91 11.33
CA THR A 480 14.65 -31.74 11.39
C THR A 480 15.90 -30.99 10.87
N GLU A 481 15.71 -30.01 10.00
CA GLU A 481 16.85 -29.34 9.40
C GLU A 481 17.44 -28.23 10.26
N LEU A 482 16.59 -27.67 11.10
CA LEU A 482 17.05 -26.70 12.10
C LEU A 482 17.73 -27.45 13.24
N GLN A 483 17.15 -28.61 13.56
CA GLN A 483 17.68 -29.48 14.57
C GLN A 483 19.09 -29.88 14.21
N ALA A 484 19.28 -30.30 12.96
CA ALA A 484 20.58 -30.77 12.52
C ALA A 484 21.61 -29.68 12.63
N ILE A 485 21.22 -28.44 12.36
CA ILE A 485 22.16 -27.33 12.43
C ILE A 485 22.41 -26.97 13.88
N TYR A 486 21.40 -27.20 14.69
CA TYR A 486 21.50 -26.88 16.11
C TYR A 486 22.46 -27.83 16.83
N LEU A 487 22.38 -29.11 16.48
CA LEU A 487 23.39 -30.07 16.91
C LEU A 487 24.77 -29.59 16.52
N ALA A 488 25.01 -29.46 15.21
CA ALA A 488 26.34 -29.11 14.72
C ALA A 488 26.90 -27.91 15.46
N LEU A 489 26.02 -27.11 16.05
CA LEU A 489 26.44 -25.92 16.78
C LEU A 489 26.68 -26.23 18.24
N GLN A 490 26.03 -27.29 18.73
CA GLN A 490 26.24 -27.74 20.11
C GLN A 490 27.56 -28.48 20.28
N ASP A 491 28.02 -29.16 19.24
CA ASP A 491 29.13 -30.08 19.37
C ASP A 491 30.37 -29.59 18.66
N SER A 492 30.55 -28.28 18.52
CA SER A 492 31.69 -27.84 17.72
C SER A 492 32.57 -26.77 18.33
N GLY A 493 32.14 -26.12 19.40
CA GLY A 493 32.97 -25.07 19.96
C GLY A 493 33.28 -23.91 19.02
N LEU A 494 34.00 -22.93 19.56
CA LEU A 494 34.05 -21.56 19.03
C LEU A 494 34.14 -21.24 17.53
N GLU A 495 34.62 -22.15 16.70
CA GLU A 495 34.72 -21.87 15.25
C GLU A 495 34.26 -23.09 14.45
N VAL A 496 33.46 -22.90 13.41
CA VAL A 496 32.88 -24.03 12.67
C VAL A 496 32.39 -23.70 11.28
N ASN A 497 32.60 -24.58 10.32
CA ASN A 497 31.94 -24.42 9.05
C ASN A 497 30.83 -25.43 8.99
N ILE A 498 29.67 -25.02 8.48
CA ILE A 498 28.50 -25.88 8.47
C ILE A 498 27.93 -25.89 7.07
N VAL A 499 27.60 -27.07 6.56
CA VAL A 499 27.00 -27.14 5.24
C VAL A 499 25.70 -27.90 5.25
N THR A 500 24.63 -27.21 4.88
CA THR A 500 23.29 -27.77 4.89
C THR A 500 22.80 -27.79 3.46
N ASP A 501 21.76 -28.58 3.19
CA ASP A 501 21.06 -28.47 1.91
C ASP A 501 19.67 -27.90 2.12
N SER A 502 19.48 -27.22 3.25
CA SER A 502 18.20 -26.55 3.53
C SER A 502 18.20 -25.04 3.26
N GLN A 503 17.80 -24.67 2.05
CA GLN A 503 17.67 -23.27 1.68
C GLN A 503 16.80 -22.58 2.75
N TYR A 504 15.87 -23.36 3.30
CA TYR A 504 14.99 -22.86 4.33
C TYR A 504 15.74 -22.35 5.56
N ALA A 505 16.57 -23.21 6.16
CA ALA A 505 17.33 -22.78 7.33
C ALA A 505 18.33 -21.70 6.93
N LEU A 506 18.92 -21.87 5.77
CA LEU A 506 19.91 -20.92 5.27
C LEU A 506 19.28 -19.53 5.27
N GLY A 507 18.13 -19.45 4.60
CA GLY A 507 17.41 -18.20 4.47
C GLY A 507 17.22 -17.58 5.83
N ILE A 508 16.67 -18.35 6.76
CA ILE A 508 16.37 -17.80 8.05
C ILE A 508 17.63 -17.27 8.67
N ILE A 509 18.70 -18.05 8.59
CA ILE A 509 19.89 -17.70 9.34
C ILE A 509 20.69 -16.59 8.68
N GLN A 510 20.74 -16.57 7.36
CA GLN A 510 21.44 -15.46 6.73
C GLN A 510 20.86 -14.11 7.14
N ALA A 511 19.58 -14.08 7.52
CA ALA A 511 18.91 -12.82 7.85
C ALA A 511 19.30 -12.30 9.24
N GLN A 512 20.14 -13.04 9.94
CA GLN A 512 20.61 -12.62 11.26
C GLN A 512 19.45 -12.40 12.21
N PRO A 513 18.51 -13.33 12.22
CA PRO A 513 17.45 -13.19 13.17
C PRO A 513 18.04 -13.03 14.55
N ASP A 514 17.40 -12.26 15.40
CA ASP A 514 17.85 -12.15 16.75
C ASP A 514 16.73 -12.45 17.71
N GLN A 515 15.61 -12.92 17.16
CA GLN A 515 14.49 -13.41 17.95
C GLN A 515 13.49 -14.08 17.02
N SER A 516 12.75 -15.05 17.54
CA SER A 516 11.83 -15.81 16.70
C SER A 516 10.63 -16.35 17.49
N GLU A 517 9.57 -16.69 16.77
CA GLU A 517 8.47 -17.44 17.36
C GLU A 517 8.84 -18.93 17.63
N SER A 518 9.81 -19.45 16.89
CA SER A 518 10.30 -20.82 17.11
C SER A 518 11.34 -20.95 18.24
N GLU A 519 10.98 -21.71 19.27
CA GLU A 519 11.89 -22.00 20.39
C GLU A 519 13.21 -22.51 19.84
N LEU A 520 13.10 -23.44 18.92
CA LEU A 520 14.26 -24.01 18.27
C LEU A 520 15.16 -22.93 17.67
N VAL A 521 14.57 -22.02 16.91
CA VAL A 521 15.31 -20.97 16.22
C VAL A 521 16.02 -20.06 17.21
N ASN A 522 15.41 -19.89 18.39
CA ASN A 522 16.07 -19.13 19.43
C ASN A 522 17.33 -19.81 19.95
N GLN A 523 17.24 -21.10 20.28
CA GLN A 523 18.42 -21.84 20.71
C GLN A 523 19.53 -21.71 19.66
N ILE A 524 19.19 -21.99 18.42
CA ILE A 524 20.13 -21.71 17.35
C ILE A 524 20.74 -20.32 17.49
N ILE A 525 19.96 -19.35 17.95
CA ILE A 525 20.51 -17.99 18.06
C ILE A 525 21.53 -17.82 19.18
N GLU A 526 21.26 -18.44 20.33
CA GLU A 526 22.18 -18.31 21.45
C GLU A 526 23.48 -19.02 21.11
N GLN A 527 23.38 -20.09 20.34
CA GLN A 527 24.56 -20.74 19.82
C GLN A 527 25.36 -19.78 18.94
N LEU A 528 24.71 -19.24 17.93
CA LEU A 528 25.37 -18.36 17.00
C LEU A 528 26.06 -17.21 17.71
N ILE A 529 25.44 -16.74 18.79
CA ILE A 529 26.02 -15.62 19.55
C ILE A 529 27.21 -16.08 20.39
N LYS A 530 27.13 -17.27 20.96
CA LYS A 530 28.26 -17.83 21.69
C LYS A 530 29.45 -18.03 20.75
N LYS A 531 29.18 -18.40 19.51
CA LYS A 531 30.25 -18.74 18.56
C LYS A 531 31.23 -17.60 18.40
N GLU A 532 32.20 -17.77 17.52
CA GLU A 532 33.23 -16.76 17.38
C GLU A 532 33.52 -16.54 15.90
N LYS A 533 33.20 -17.56 15.12
CA LYS A 533 33.36 -17.48 13.68
C LYS A 533 32.59 -18.64 13.10
N VAL A 534 31.35 -18.39 12.66
CA VAL A 534 30.54 -19.41 11.99
C VAL A 534 30.48 -19.15 10.49
N TYR A 535 30.65 -20.20 9.71
CA TYR A 535 30.49 -20.07 8.28
C TYR A 535 29.47 -21.09 7.81
N LEU A 536 28.45 -20.63 7.08
CA LEU A 536 27.31 -21.47 6.76
C LEU A 536 27.20 -21.48 5.26
N ALA A 537 26.93 -22.64 4.67
CA ALA A 537 26.90 -22.76 3.20
C ALA A 537 25.95 -23.85 2.76
N TRP A 538 25.38 -23.67 1.57
CA TRP A 538 24.34 -24.55 1.06
C TRP A 538 24.78 -25.43 -0.13
N VAL A 539 24.29 -26.67 -0.15
CA VAL A 539 24.45 -27.52 -1.33
C VAL A 539 23.09 -28.13 -1.61
N PRO A 540 22.82 -28.44 -2.88
CA PRO A 540 21.55 -29.08 -3.28
C PRO A 540 21.51 -30.54 -2.85
N ALA A 541 20.45 -30.95 -2.17
CA ALA A 541 20.42 -32.30 -1.60
C ALA A 541 20.08 -33.36 -2.64
N HIS A 542 20.45 -34.61 -2.34
CA HIS A 542 20.29 -35.77 -3.23
C HIS A 542 21.12 -35.64 -4.51
N LYS A 543 22.25 -34.98 -4.40
CA LYS A 543 23.25 -35.02 -5.46
C LYS A 543 24.56 -35.55 -4.86
N GLY A 544 24.65 -36.87 -4.71
CA GLY A 544 25.89 -37.45 -4.21
C GLY A 544 26.90 -36.32 -4.21
N ILE A 545 27.27 -35.87 -3.01
CA ILE A 545 28.10 -34.70 -2.86
C ILE A 545 28.74 -34.73 -1.47
N GLY A 546 29.84 -34.00 -1.33
CA GLY A 546 30.59 -34.01 -0.08
C GLY A 546 30.04 -35.02 0.91
N GLY A 547 30.36 -34.81 2.18
CA GLY A 547 29.81 -35.65 3.24
C GLY A 547 28.30 -35.56 3.30
N ASN A 548 27.74 -34.64 2.51
CA ASN A 548 26.29 -34.49 2.46
C ASN A 548 25.65 -35.84 2.19
N GLU A 549 26.19 -36.57 1.23
CA GLU A 549 25.60 -37.83 0.85
C GLU A 549 25.58 -38.83 2.01
N GLN A 550 26.51 -38.65 2.96
CA GLN A 550 26.62 -39.55 4.11
C GLN A 550 25.62 -39.23 5.20
N VAL A 551 25.58 -37.96 5.59
CA VAL A 551 24.64 -37.55 6.61
C VAL A 551 23.25 -37.82 6.09
N ASP A 552 23.13 -37.84 4.76
CA ASP A 552 21.83 -38.14 4.17
C ASP A 552 21.41 -39.58 4.46
N LYS A 553 22.24 -40.53 4.05
CA LYS A 553 21.93 -41.94 4.22
C LYS A 553 21.76 -42.22 5.70
N LEU A 554 22.46 -41.46 6.52
CA LEU A 554 22.46 -41.64 7.96
C LEU A 554 21.10 -41.33 8.58
N VAL A 555 20.47 -40.26 8.12
CA VAL A 555 19.17 -39.85 8.66
C VAL A 555 18.01 -40.43 7.85
N SER A 556 18.34 -40.98 6.68
CA SER A 556 17.34 -41.63 5.82
C SER A 556 17.01 -43.05 6.30
N ALA A 557 18.05 -43.80 6.68
CA ALA A 557 17.85 -45.14 7.23
C ALA A 557 16.86 -45.07 8.38
N GLY A 558 15.65 -45.57 8.15
CA GLY A 558 14.60 -45.56 9.17
C GLY A 558 13.45 -44.62 8.83
N ILE A 559 13.79 -43.38 8.51
CA ILE A 559 12.78 -42.39 8.15
C ILE A 559 12.11 -42.65 6.80
N ARG A 560 12.90 -42.69 5.73
CA ARG A 560 12.36 -42.97 4.40
C ARG A 560 13.31 -43.88 3.61
N ILE B 8 -17.30 16.91 -31.83
CA ILE B 8 -16.93 15.57 -32.37
C ILE B 8 -17.77 14.45 -31.72
N GLU B 9 -18.70 13.89 -32.46
CA GLU B 9 -19.47 12.77 -31.92
C GLU B 9 -18.48 11.81 -31.25
N THR B 10 -18.81 11.35 -30.05
CA THR B 10 -17.88 10.50 -29.29
C THR B 10 -18.13 9.03 -29.56
N VAL B 11 -17.10 8.21 -29.37
CA VAL B 11 -17.27 6.78 -29.49
C VAL B 11 -17.72 6.21 -28.14
N PRO B 12 -18.62 5.21 -28.18
CA PRO B 12 -19.20 4.68 -26.96
C PRO B 12 -18.31 3.61 -26.34
N VAL B 13 -18.08 3.73 -25.04
CA VAL B 13 -17.17 2.85 -24.32
C VAL B 13 -17.93 2.12 -23.23
N LYS B 14 -17.85 0.79 -23.21
CA LYS B 14 -18.53 0.04 -22.14
C LYS B 14 -17.58 -0.86 -21.36
N LEU B 15 -17.91 -1.09 -20.10
CA LEU B 15 -17.09 -1.94 -19.25
C LEU B 15 -17.18 -3.38 -19.70
N LYS B 16 -16.30 -4.22 -19.16
CA LYS B 16 -16.39 -5.65 -19.37
C LYS B 16 -17.56 -6.20 -18.55
N PRO B 17 -18.65 -6.58 -19.24
CA PRO B 17 -19.91 -7.04 -18.66
C PRO B 17 -19.79 -7.61 -17.24
N GLY B 18 -20.79 -7.32 -16.41
CA GLY B 18 -20.87 -7.90 -15.07
C GLY B 18 -19.81 -7.42 -14.10
N MET B 19 -19.12 -6.35 -14.44
CA MET B 19 -18.23 -5.72 -13.50
C MET B 19 -18.29 -4.22 -13.75
N ASP B 20 -18.07 -3.41 -12.73
CA ASP B 20 -18.08 -1.97 -12.97
C ASP B 20 -16.83 -1.23 -12.49
N GLY B 21 -17.00 0.06 -12.24
CA GLY B 21 -15.89 0.99 -12.17
C GLY B 21 -14.89 0.77 -11.06
N PRO B 22 -13.72 1.41 -11.20
CA PRO B 22 -12.68 1.33 -10.19
C PRO B 22 -13.10 2.06 -8.93
N LYS B 23 -12.80 1.47 -7.77
CA LYS B 23 -12.94 2.18 -6.51
C LYS B 23 -11.63 2.10 -5.74
N VAL B 24 -10.60 2.77 -6.22
CA VAL B 24 -9.29 2.56 -5.66
C VAL B 24 -8.97 3.69 -4.70
N LYS B 25 -8.33 3.34 -3.61
CA LYS B 25 -7.99 4.32 -2.56
C LYS B 25 -6.82 5.24 -2.96
N GLN B 26 -6.84 6.48 -2.48
CA GLN B 26 -5.82 7.45 -2.81
C GLN B 26 -4.72 7.49 -1.76
N TRP B 27 -3.51 7.08 -2.11
CA TRP B 27 -2.40 7.19 -1.16
C TRP B 27 -2.26 8.62 -0.71
N PRO B 28 -1.82 8.81 0.54
CA PRO B 28 -1.58 10.16 1.00
C PRO B 28 -0.46 10.81 0.19
N LEU B 29 -0.58 12.13 0.01
CA LEU B 29 0.35 12.93 -0.75
C LEU B 29 0.95 13.98 0.18
N THR B 30 2.17 14.43 -0.11
CA THR B 30 2.80 15.46 0.70
C THR B 30 2.27 16.81 0.27
N GLU B 31 2.50 17.84 1.08
CA GLU B 31 1.92 19.13 0.78
C GLU B 31 2.31 19.64 -0.59
N GLU B 32 3.58 19.49 -0.97
CA GLU B 32 3.98 20.07 -2.22
C GLU B 32 3.27 19.42 -3.41
N LYS B 33 3.04 18.12 -3.34
CA LYS B 33 2.41 17.48 -4.48
C LYS B 33 0.94 17.83 -4.57
N ILE B 34 0.31 17.98 -3.41
CA ILE B 34 -1.08 18.41 -3.38
C ILE B 34 -1.24 19.80 -4.04
N LYS B 35 -0.47 20.79 -3.59
CA LYS B 35 -0.48 22.12 -4.20
C LYS B 35 -0.26 22.04 -5.69
N ALA B 36 0.75 21.30 -6.10
CA ALA B 36 1.04 21.20 -7.52
C ALA B 36 -0.20 20.69 -8.27
N LEU B 37 -0.93 19.78 -7.64
CA LEU B 37 -2.10 19.15 -8.24
C LEU B 37 -3.29 20.10 -8.24
N VAL B 38 -3.39 20.94 -7.21
CA VAL B 38 -4.44 21.93 -7.22
C VAL B 38 -4.26 22.92 -8.42
N GLU B 39 -3.04 23.38 -8.68
CA GLU B 39 -2.83 24.25 -9.83
C GLU B 39 -3.19 23.54 -11.12
N ILE B 40 -2.46 22.49 -11.42
CA ILE B 40 -2.74 21.74 -12.63
C ILE B 40 -4.24 21.58 -12.81
N CYS B 41 -4.93 21.21 -11.74
CA CYS B 41 -6.36 20.88 -11.82
C CYS B 41 -7.28 22.08 -11.99
N THR B 42 -6.93 23.21 -11.38
CA THR B 42 -7.69 24.41 -11.60
C THR B 42 -7.62 24.80 -13.08
N GLU B 43 -6.43 24.68 -13.67
CA GLU B 43 -6.25 24.95 -15.10
C GLU B 43 -7.06 24.02 -16.02
N MET B 44 -6.97 22.70 -15.84
CA MET B 44 -7.66 21.83 -16.77
C MET B 44 -9.14 22.13 -16.70
N GLU B 45 -9.59 22.53 -15.53
CA GLU B 45 -11.00 22.77 -15.32
C GLU B 45 -11.41 24.00 -16.11
N LYS B 46 -10.68 25.10 -15.90
CA LYS B 46 -10.89 26.30 -16.69
C LYS B 46 -10.93 25.96 -18.17
N GLU B 47 -10.10 25.03 -18.61
CA GLU B 47 -10.06 24.71 -20.02
C GLU B 47 -11.03 23.63 -20.38
N GLY B 48 -11.94 23.27 -19.49
CA GLY B 48 -12.90 22.19 -19.79
C GLY B 48 -12.44 20.73 -19.86
N LYS B 49 -11.18 20.43 -19.54
CA LYS B 49 -10.68 19.04 -19.65
C LYS B 49 -11.39 18.11 -18.62
N ILE B 50 -11.68 18.64 -17.44
CA ILE B 50 -12.29 17.90 -16.33
C ILE B 50 -13.31 18.78 -15.63
N SER B 51 -14.29 18.17 -14.97
CA SER B 51 -15.25 18.91 -14.12
C SER B 51 -15.45 18.28 -12.75
N LYS B 52 -15.64 19.12 -11.73
CA LYS B 52 -15.93 18.63 -10.39
C LYS B 52 -17.14 17.76 -10.46
N ILE B 53 -17.23 16.76 -9.59
CA ILE B 53 -18.40 15.91 -9.56
C ILE B 53 -18.95 15.89 -8.16
N GLY B 54 -20.09 15.22 -7.99
CA GLY B 54 -20.79 15.18 -6.72
C GLY B 54 -20.81 13.80 -6.09
N PRO B 55 -21.33 13.72 -4.86
CA PRO B 55 -21.16 12.53 -4.07
C PRO B 55 -21.77 11.32 -4.74
N GLU B 56 -22.63 11.55 -5.72
CA GLU B 56 -23.31 10.43 -6.38
C GLU B 56 -22.41 9.64 -7.33
N ASN B 57 -21.15 10.10 -7.51
CA ASN B 57 -20.13 9.31 -8.21
C ASN B 57 -19.31 8.60 -7.16
N PRO B 58 -19.44 7.27 -7.08
CA PRO B 58 -18.73 6.50 -6.08
C PRO B 58 -17.37 5.96 -6.55
N TYR B 59 -16.90 6.36 -7.71
CA TYR B 59 -15.68 5.76 -8.26
C TYR B 59 -14.39 6.44 -7.80
N ASN B 60 -13.26 5.77 -7.94
CA ASN B 60 -12.02 6.46 -7.65
C ASN B 60 -10.79 5.81 -8.23
N THR B 61 -9.89 6.65 -8.71
CA THR B 61 -8.65 6.26 -9.31
C THR B 61 -7.61 7.13 -8.67
N PRO B 62 -6.47 6.56 -8.27
CA PRO B 62 -5.53 7.40 -7.54
C PRO B 62 -4.80 8.33 -8.48
N VAL B 63 -4.34 9.42 -7.92
CA VAL B 63 -3.66 10.43 -8.67
C VAL B 63 -2.37 10.80 -7.93
N PHE B 64 -1.36 11.15 -8.70
CA PHE B 64 -0.02 11.47 -8.16
C PHE B 64 0.57 12.63 -8.95
N ALA B 65 1.64 13.20 -8.40
CA ALA B 65 2.42 14.25 -9.07
C ALA B 65 3.87 13.80 -9.28
N ILE B 66 4.38 13.93 -10.49
CA ILE B 66 5.78 13.63 -10.74
C ILE B 66 6.47 14.77 -11.47
N LYS B 67 7.68 14.51 -11.96
CA LYS B 67 8.49 15.54 -12.60
C LYS B 67 8.80 15.26 -14.09
N LYS B 68 9.24 14.05 -14.39
CA LYS B 68 9.78 13.70 -15.73
C LYS B 68 11.18 14.29 -15.98
N LYS B 69 12.16 13.41 -16.20
CA LYS B 69 13.62 13.74 -16.32
C LYS B 69 14.01 15.21 -16.63
N ASP B 70 14.76 15.83 -15.71
CA ASP B 70 15.23 17.21 -15.93
C ASP B 70 14.09 18.19 -16.17
N SER B 71 13.31 18.48 -15.14
CA SER B 71 12.18 19.41 -15.22
C SER B 71 11.75 19.90 -13.85
N THR B 72 11.48 21.20 -13.74
CA THR B 72 10.91 21.76 -12.52
C THR B 72 9.38 21.58 -12.50
N LYS B 73 8.75 21.89 -13.63
CA LYS B 73 7.31 21.67 -13.78
C LYS B 73 6.86 20.33 -13.22
N TRP B 74 6.09 20.37 -12.13
CA TRP B 74 5.36 19.22 -11.68
C TRP B 74 4.43 18.77 -12.77
N ARG B 75 4.19 17.48 -12.89
CA ARG B 75 3.18 17.07 -13.84
C ARG B 75 2.31 15.97 -13.25
N LYS B 76 1.08 15.88 -13.73
CA LYS B 76 0.08 15.05 -13.10
C LYS B 76 0.13 13.64 -13.64
N LEU B 77 -0.06 12.65 -12.76
CA LEU B 77 -0.05 11.28 -13.23
C LEU B 77 -1.18 10.50 -12.61
N VAL B 78 -2.11 10.03 -13.44
CA VAL B 78 -3.28 9.34 -12.93
C VAL B 78 -3.03 7.83 -13.02
N ASP B 79 -3.23 7.10 -11.95
CA ASP B 79 -3.03 5.66 -12.01
C ASP B 79 -4.29 4.91 -12.48
N PHE B 80 -4.42 4.63 -13.79
CA PHE B 80 -5.58 3.91 -14.31
C PHE B 80 -5.34 2.42 -14.42
N ARG B 81 -4.39 1.89 -13.67
CA ARG B 81 -4.19 0.46 -13.76
C ARG B 81 -5.50 -0.30 -13.63
N GLU B 82 -6.28 0.04 -12.63
CA GLU B 82 -7.52 -0.66 -12.39
C GLU B 82 -8.53 -0.45 -13.53
N LEU B 83 -8.80 0.80 -13.87
CA LEU B 83 -9.65 1.10 -15.01
C LEU B 83 -9.22 0.31 -16.25
N ASN B 84 -7.91 0.21 -16.50
CA ASN B 84 -7.47 -0.48 -17.70
C ASN B 84 -7.86 -1.94 -17.71
N LYS B 85 -7.72 -2.60 -16.56
CA LYS B 85 -8.16 -3.99 -16.46
C LYS B 85 -9.65 -4.07 -16.78
N ARG B 86 -10.40 -3.14 -16.25
CA ARG B 86 -11.84 -3.21 -16.36
C ARG B 86 -12.40 -2.83 -17.74
N THR B 87 -11.57 -2.32 -18.63
CA THR B 87 -12.03 -1.96 -19.96
C THR B 87 -11.15 -2.68 -20.97
N GLN B 88 -10.31 -3.56 -20.48
CA GLN B 88 -9.36 -4.25 -21.34
C GLN B 88 -9.95 -4.68 -22.68
N ASP B 89 -11.17 -5.22 -22.63
CA ASP B 89 -11.77 -5.78 -23.82
C ASP B 89 -11.86 -4.74 -24.93
N PHE B 90 -12.08 -3.49 -24.53
CA PHE B 90 -12.15 -2.36 -25.43
C PHE B 90 -10.79 -2.05 -26.07
N TRP B 91 -9.84 -1.56 -25.27
CA TRP B 91 -8.55 -1.14 -25.82
C TRP B 91 -7.76 -2.25 -26.50
N GLU B 92 -8.01 -3.50 -26.14
CA GLU B 92 -7.12 -4.54 -26.63
C GLU B 92 -7.63 -5.36 -27.80
N VAL B 93 -8.88 -5.79 -27.70
CA VAL B 93 -9.46 -6.65 -28.73
C VAL B 93 -10.76 -6.04 -29.24
N GLN B 94 -10.67 -4.89 -29.91
CA GLN B 94 -11.85 -4.18 -30.33
C GLN B 94 -11.32 -2.96 -31.03
N LEU B 95 -10.35 -2.33 -30.37
CA LEU B 95 -9.57 -1.24 -30.94
C LEU B 95 -8.08 -1.48 -30.69
N GLY B 96 -7.69 -2.75 -30.60
CA GLY B 96 -6.29 -3.11 -30.33
C GLY B 96 -5.34 -2.46 -31.30
N ILE B 97 -4.11 -2.16 -30.84
CA ILE B 97 -3.09 -1.56 -31.69
C ILE B 97 -1.96 -2.54 -31.98
N PRO B 98 -1.79 -2.92 -33.26
CA PRO B 98 -0.80 -3.92 -33.63
C PRO B 98 0.61 -3.47 -33.21
N HIS B 99 1.47 -4.40 -32.80
CA HIS B 99 2.83 -4.05 -32.39
C HIS B 99 3.92 -4.64 -33.31
N PRO B 100 4.72 -3.75 -33.91
CA PRO B 100 5.68 -4.10 -34.94
C PRO B 100 6.86 -4.86 -34.39
N ALA B 101 7.00 -6.10 -34.83
CA ALA B 101 8.16 -6.90 -34.45
C ALA B 101 9.47 -6.21 -34.86
N GLY B 102 9.38 -5.27 -35.78
CA GLY B 102 10.58 -4.66 -36.35
C GLY B 102 11.27 -3.69 -35.41
N LEU B 103 10.47 -3.07 -34.55
CA LEU B 103 10.94 -2.00 -33.69
C LEU B 103 12.20 -2.39 -32.94
N LYS B 104 12.23 -3.55 -32.31
CA LYS B 104 13.40 -3.93 -31.50
C LYS B 104 14.65 -4.06 -32.36
N LYS B 105 14.47 -4.08 -33.66
CA LYS B 105 15.58 -4.28 -34.57
C LYS B 105 16.39 -3.01 -34.82
N LYS B 106 15.71 -1.87 -34.87
CA LYS B 106 16.32 -0.59 -35.25
C LYS B 106 17.54 -0.20 -34.42
N LYS B 107 18.46 0.56 -35.02
CA LYS B 107 19.67 0.99 -34.30
C LYS B 107 19.30 2.00 -33.24
N SER B 108 18.30 2.82 -33.53
CA SER B 108 17.89 3.89 -32.63
C SER B 108 16.40 3.97 -32.51
N VAL B 109 15.92 4.12 -31.27
CA VAL B 109 14.50 4.37 -31.02
C VAL B 109 14.37 5.58 -30.12
N THR B 110 13.67 6.58 -30.63
CA THR B 110 13.38 7.73 -29.80
C THR B 110 11.95 7.66 -29.29
N VAL B 111 11.78 8.04 -28.04
CA VAL B 111 10.49 7.91 -27.38
C VAL B 111 9.87 9.29 -27.17
N LEU B 112 8.66 9.52 -27.69
CA LEU B 112 8.05 10.88 -27.66
C LEU B 112 6.71 10.96 -26.95
N ASP B 113 6.65 11.84 -25.95
CA ASP B 113 5.42 12.11 -25.24
C ASP B 113 4.44 12.77 -26.19
N VAL B 114 3.23 12.25 -26.26
CA VAL B 114 2.30 12.66 -27.29
C VAL B 114 0.88 12.72 -26.70
N GLY B 115 0.79 12.68 -25.37
CA GLY B 115 -0.47 12.65 -24.62
C GLY B 115 -1.31 13.92 -24.64
N ASP B 116 -0.71 15.05 -25.02
CA ASP B 116 -1.46 16.28 -25.24
C ASP B 116 -2.49 16.12 -26.35
N ALA B 117 -2.18 15.26 -27.31
CA ALA B 117 -3.13 14.89 -28.33
C ALA B 117 -4.50 14.64 -27.74
N TYR B 118 -4.56 13.90 -26.66
CA TYR B 118 -5.83 13.39 -26.16
C TYR B 118 -6.83 14.41 -25.66
N PHE B 119 -6.39 15.57 -25.20
CA PHE B 119 -7.35 16.45 -24.53
C PHE B 119 -8.31 17.20 -25.47
N SER B 120 -8.21 16.95 -26.76
CA SER B 120 -9.11 17.63 -27.67
C SER B 120 -10.07 16.65 -28.30
N VAL B 121 -10.13 15.46 -27.76
CA VAL B 121 -11.16 14.52 -28.16
C VAL B 121 -12.09 14.28 -26.98
N PRO B 122 -13.36 14.65 -27.14
CA PRO B 122 -14.22 14.52 -25.97
C PRO B 122 -14.47 13.07 -25.60
N LEU B 123 -14.70 12.83 -24.32
CA LEU B 123 -14.94 11.48 -23.80
C LEU B 123 -16.45 11.15 -23.76
N ASP B 124 -16.81 9.99 -24.29
CA ASP B 124 -18.18 9.54 -24.24
C ASP B 124 -18.84 9.84 -22.88
N GLU B 125 -19.90 10.63 -22.92
CA GLU B 125 -20.55 11.18 -21.72
C GLU B 125 -20.91 10.13 -20.67
N ASP B 126 -21.18 8.91 -21.11
CA ASP B 126 -21.68 7.89 -20.18
C ASP B 126 -20.56 7.16 -19.49
N PHE B 127 -19.33 7.46 -19.88
CA PHE B 127 -18.17 6.82 -19.32
C PHE B 127 -17.44 7.74 -18.33
N ARG B 128 -17.60 9.04 -18.48
CA ARG B 128 -16.82 9.97 -17.67
C ARG B 128 -16.78 9.65 -16.18
N LYS B 129 -17.84 9.05 -15.65
CA LYS B 129 -17.96 8.93 -14.20
C LYS B 129 -16.92 7.95 -13.73
N TYR B 130 -16.62 6.98 -14.58
CA TYR B 130 -15.61 5.99 -14.28
C TYR B 130 -14.21 6.55 -14.18
N THR B 131 -14.02 7.84 -14.41
CA THR B 131 -12.68 8.42 -14.37
C THR B 131 -12.51 9.36 -13.17
N ALA B 132 -13.37 9.23 -12.18
CA ALA B 132 -13.27 10.07 -11.01
C ALA B 132 -11.92 9.93 -10.35
N PHE B 133 -11.43 11.02 -9.78
CA PHE B 133 -10.28 10.99 -8.91
C PHE B 133 -10.40 12.08 -7.86
N THR B 134 -9.49 12.08 -6.90
CA THR B 134 -9.62 12.93 -5.73
C THR B 134 -8.30 13.61 -5.44
N ILE B 135 -8.33 14.86 -5.01
CA ILE B 135 -7.13 15.49 -4.49
C ILE B 135 -7.32 15.49 -2.97
N PRO B 136 -6.47 14.74 -2.27
CA PRO B 136 -6.77 14.67 -0.86
C PRO B 136 -6.22 15.91 -0.19
N SER B 137 -6.53 16.12 1.08
CA SER B 137 -5.99 17.26 1.79
C SER B 137 -5.26 16.76 3.01
N ILE B 138 -4.38 17.59 3.55
CA ILE B 138 -3.56 17.21 4.66
C ILE B 138 -4.37 17.07 5.92
N ASN B 139 -4.13 15.97 6.63
CA ASN B 139 -4.74 15.76 7.95
C ASN B 139 -6.24 15.71 7.82
N ASN B 140 -6.69 15.45 6.60
CA ASN B 140 -8.11 15.30 6.33
C ASN B 140 -8.90 16.52 6.77
N GLU B 141 -8.29 17.70 6.70
CA GLU B 141 -8.98 18.88 7.19
C GLU B 141 -10.19 19.23 6.33
N THR B 142 -10.09 19.01 5.02
CA THR B 142 -11.20 19.26 4.11
C THR B 142 -11.47 18.09 3.19
N PRO B 143 -12.71 17.99 2.70
CA PRO B 143 -12.98 16.83 1.84
C PRO B 143 -12.16 16.87 0.53
N GLY B 144 -11.83 15.71 0.00
CA GLY B 144 -11.03 15.70 -1.21
C GLY B 144 -11.76 16.50 -2.29
N ILE B 145 -10.99 17.18 -3.14
CA ILE B 145 -11.52 17.78 -4.36
C ILE B 145 -11.71 16.67 -5.38
N ARG B 146 -12.92 16.55 -5.92
CA ARG B 146 -13.25 15.40 -6.74
C ARG B 146 -13.52 15.81 -8.17
N TYR B 147 -12.95 15.09 -9.14
CA TYR B 147 -13.12 15.45 -10.53
C TYR B 147 -13.39 14.24 -11.37
N GLN B 148 -13.88 14.48 -12.58
CA GLN B 148 -13.83 13.46 -13.64
C GLN B 148 -13.45 14.08 -14.98
N TYR B 149 -13.11 13.23 -15.93
CA TYR B 149 -12.67 13.70 -17.23
C TYR B 149 -13.82 13.97 -18.23
N ASN B 150 -13.70 15.03 -19.01
CA ASN B 150 -14.63 15.25 -20.11
C ASN B 150 -14.01 14.82 -21.44
N VAL B 151 -12.68 14.62 -21.43
CA VAL B 151 -11.92 14.29 -22.64
C VAL B 151 -11.06 13.06 -22.41
N LEU B 152 -10.48 12.51 -23.48
CA LEU B 152 -9.61 11.34 -23.35
C LEU B 152 -8.52 11.61 -22.32
N PRO B 153 -8.43 10.76 -21.27
CA PRO B 153 -7.46 11.08 -20.24
C PRO B 153 -6.11 10.43 -20.53
N GLN B 154 -5.02 11.10 -20.15
CA GLN B 154 -3.70 10.50 -20.25
C GLN B 154 -3.61 9.29 -19.37
N GLY B 155 -2.92 8.26 -19.84
CA GLY B 155 -2.67 7.09 -19.00
C GLY B 155 -3.77 6.06 -19.05
N TRP B 156 -4.90 6.37 -19.68
CA TRP B 156 -5.96 5.39 -19.84
C TRP B 156 -5.78 4.70 -21.15
N LYS B 157 -5.70 3.37 -21.13
CA LYS B 157 -5.46 2.63 -22.36
C LYS B 157 -6.54 2.83 -23.43
N GLY B 158 -7.69 3.36 -23.04
CA GLY B 158 -8.71 3.73 -24.02
C GLY B 158 -8.31 4.88 -24.94
N SER B 159 -7.56 5.83 -24.42
CA SER B 159 -7.28 7.03 -25.17
C SER B 159 -6.60 6.75 -26.51
N PRO B 160 -5.43 6.09 -26.50
CA PRO B 160 -4.77 5.83 -27.78
C PRO B 160 -5.55 4.86 -28.68
N ALA B 161 -6.31 3.94 -28.09
CA ALA B 161 -7.14 3.06 -28.89
C ALA B 161 -8.11 3.92 -29.69
N ILE B 162 -8.75 4.87 -29.02
CA ILE B 162 -9.70 5.72 -29.68
C ILE B 162 -9.01 6.70 -30.62
N PHE B 163 -7.86 7.21 -30.24
CA PHE B 163 -7.27 8.27 -31.02
C PHE B 163 -6.54 7.67 -32.19
N GLN B 164 -6.60 6.35 -32.30
CA GLN B 164 -5.83 5.60 -33.28
C GLN B 164 -5.85 6.21 -34.69
N SER B 165 -7.04 6.33 -35.25
CA SER B 165 -7.21 6.80 -36.64
C SER B 165 -6.77 8.23 -36.89
N SER B 166 -6.88 9.09 -35.89
CA SER B 166 -6.32 10.43 -36.01
C SER B 166 -4.81 10.32 -36.04
N MET B 167 -4.26 9.59 -35.08
CA MET B 167 -2.82 9.41 -35.08
C MET B 167 -2.40 9.03 -36.49
N THR B 168 -3.15 8.11 -37.09
CA THR B 168 -2.81 7.62 -38.42
C THR B 168 -2.77 8.69 -39.50
N LYS B 169 -3.79 9.56 -39.51
CA LYS B 169 -3.83 10.70 -40.42
C LYS B 169 -2.64 11.62 -40.19
N ILE B 170 -2.38 11.96 -38.94
CA ILE B 170 -1.22 12.77 -38.63
C ILE B 170 0.08 12.16 -39.14
N LEU B 171 0.24 10.85 -39.04
CA LEU B 171 1.53 10.27 -39.40
C LEU B 171 1.63 9.89 -40.89
N GLU B 172 0.52 10.00 -41.62
CA GLU B 172 0.48 9.47 -42.98
C GLU B 172 1.52 10.08 -43.93
N PRO B 173 1.63 11.42 -43.94
CA PRO B 173 2.68 12.09 -44.74
C PRO B 173 4.08 11.61 -44.37
N PHE B 174 4.46 11.82 -43.12
CA PHE B 174 5.78 11.43 -42.64
C PHE B 174 6.09 9.98 -42.92
N ARG B 175 5.09 9.12 -42.74
CA ARG B 175 5.28 7.70 -43.04
C ARG B 175 5.55 7.49 -44.50
N LYS B 176 4.64 7.95 -45.34
CA LYS B 176 4.83 7.89 -46.79
C LYS B 176 6.24 8.31 -47.13
N GLN B 177 6.76 9.39 -46.54
CA GLN B 177 8.09 9.87 -46.94
C GLN B 177 9.23 9.10 -46.30
N ASN B 178 8.95 8.26 -45.32
CA ASN B 178 10.02 7.49 -44.69
C ASN B 178 9.63 6.03 -44.48
N PRO B 179 9.49 5.31 -45.59
CA PRO B 179 9.04 3.94 -45.59
C PRO B 179 9.82 3.08 -44.59
N ASP B 180 11.03 3.48 -44.22
CA ASP B 180 11.85 2.62 -43.37
C ASP B 180 12.02 3.12 -41.96
N ILE B 181 11.09 3.94 -41.50
CA ILE B 181 11.06 4.25 -40.08
C ILE B 181 9.81 3.65 -39.48
N VAL B 182 9.98 3.02 -38.33
CA VAL B 182 8.84 2.41 -37.66
C VAL B 182 8.32 3.32 -36.53
N ILE B 183 7.01 3.54 -36.54
CA ILE B 183 6.39 4.34 -35.53
C ILE B 183 5.33 3.51 -34.85
N TYR B 184 5.45 3.39 -33.54
CA TYR B 184 4.59 2.56 -32.75
C TYR B 184 4.14 3.40 -31.58
N GLN B 185 2.84 3.39 -31.34
CA GLN B 185 2.32 4.14 -30.25
C GLN B 185 1.95 3.18 -29.10
N TYR B 186 2.25 3.60 -27.87
CA TYR B 186 1.89 2.82 -26.71
C TYR B 186 1.49 3.78 -25.60
N MET B 187 0.21 3.75 -25.24
CA MET B 187 -0.33 4.68 -24.26
C MET B 187 -0.02 6.10 -24.71
N ASP B 188 0.55 6.93 -23.86
CA ASP B 188 0.87 8.32 -24.22
C ASP B 188 2.12 8.52 -25.07
N ASP B 189 2.82 7.44 -25.43
CA ASP B 189 4.11 7.62 -26.10
C ASP B 189 4.23 7.13 -27.53
N LEU B 190 5.21 7.68 -28.21
CA LEU B 190 5.44 7.32 -29.57
C LEU B 190 6.83 6.75 -29.61
N TYR B 191 6.97 5.60 -30.24
CA TYR B 191 8.28 5.02 -30.39
C TYR B 191 8.63 5.11 -31.84
N VAL B 192 9.81 5.64 -32.09
CA VAL B 192 10.22 5.96 -33.44
C VAL B 192 11.61 5.42 -33.59
N GLY B 193 11.76 4.46 -34.47
CA GLY B 193 13.03 3.75 -34.61
C GLY B 193 13.52 3.74 -36.03
N SER B 194 14.81 3.97 -36.22
CA SER B 194 15.36 3.96 -37.55
C SER B 194 16.78 3.40 -37.59
N ASP B 195 17.29 3.15 -38.79
CA ASP B 195 18.64 2.63 -38.93
C ASP B 195 19.61 3.71 -39.40
N LEU B 196 19.11 4.96 -39.42
CA LEU B 196 19.93 6.12 -39.82
C LEU B 196 21.10 6.38 -38.87
N GLU B 197 22.18 6.95 -39.41
CA GLU B 197 23.21 7.55 -38.60
C GLU B 197 22.46 8.43 -37.58
N ILE B 198 23.10 8.77 -36.47
CA ILE B 198 22.38 9.40 -35.35
C ILE B 198 21.98 10.87 -35.61
N GLY B 199 22.83 11.57 -36.36
CA GLY B 199 22.53 12.93 -36.78
C GLY B 199 21.28 12.93 -37.64
N GLN B 200 21.20 11.99 -38.58
CA GLN B 200 20.05 11.94 -39.48
C GLN B 200 18.84 11.50 -38.71
N HIS B 201 19.06 10.60 -37.76
CA HIS B 201 17.98 10.11 -36.95
C HIS B 201 17.37 11.28 -36.20
N ARG B 202 18.19 11.89 -35.36
CA ARG B 202 17.77 13.08 -34.64
C ARG B 202 17.15 14.08 -35.60
N THR B 203 17.63 14.11 -36.83
CA THR B 203 17.04 15.06 -37.75
C THR B 203 15.67 14.57 -38.19
N LYS B 204 15.52 13.28 -38.39
CA LYS B 204 14.21 12.83 -38.79
C LYS B 204 13.20 13.05 -37.67
N ILE B 205 13.67 12.99 -36.44
CA ILE B 205 12.76 13.15 -35.32
C ILE B 205 12.29 14.60 -35.15
N GLU B 206 13.21 15.54 -35.37
CA GLU B 206 12.83 16.94 -35.48
C GLU B 206 11.76 17.11 -36.55
N GLU B 207 12.03 16.60 -37.73
CA GLU B 207 11.10 16.72 -38.83
C GLU B 207 9.75 16.22 -38.41
N LEU B 208 9.74 15.11 -37.69
CA LEU B 208 8.47 14.51 -37.29
C LEU B 208 7.80 15.32 -36.16
N ARG B 209 8.62 15.99 -35.35
CA ARG B 209 8.07 16.89 -34.33
C ARG B 209 7.26 18.01 -34.93
N GLN B 210 7.64 18.41 -36.16
CA GLN B 210 6.99 19.51 -36.82
C GLN B 210 5.61 19.09 -37.33
N HIS B 211 5.51 17.86 -37.81
CA HIS B 211 4.22 17.33 -38.20
C HIS B 211 3.29 17.34 -36.99
N LEU B 212 3.71 16.68 -35.91
CA LEU B 212 2.87 16.59 -34.74
C LEU B 212 2.48 18.01 -34.38
N LEU B 213 3.46 18.89 -34.50
CA LEU B 213 3.27 20.27 -34.07
C LEU B 213 2.12 20.95 -34.81
N ARG B 214 1.83 20.54 -36.04
CA ARG B 214 0.68 21.08 -36.78
C ARG B 214 -0.68 20.63 -36.26
N TRP B 215 -0.73 19.59 -35.43
CA TRP B 215 -2.01 19.18 -34.83
C TRP B 215 -2.06 19.43 -33.34
N GLY B 216 -1.14 20.24 -32.84
CA GLY B 216 -1.07 20.46 -31.40
C GLY B 216 0.05 19.70 -30.71
N LEU B 217 0.07 18.37 -30.81
CA LEU B 217 1.05 17.57 -30.04
C LEU B 217 2.37 18.32 -30.00
N THR B 218 3.09 18.22 -28.87
CA THR B 218 4.44 18.77 -28.76
C THR B 218 5.44 17.79 -28.13
N GLY B 234 14.20 14.50 -28.33
CA GLY B 234 13.70 13.21 -27.85
C GLY B 234 14.71 12.48 -26.97
N TYR B 235 14.27 11.36 -26.38
CA TYR B 235 15.14 10.53 -25.53
C TYR B 235 15.38 9.13 -26.15
N GLU B 236 16.66 8.71 -26.15
CA GLU B 236 17.20 7.72 -27.11
C GLU B 236 17.64 6.31 -26.68
N LEU B 237 16.96 5.31 -27.23
CA LEU B 237 17.27 3.89 -27.03
C LEU B 237 18.04 3.33 -28.20
N HIS B 238 18.78 2.26 -27.97
CA HIS B 238 19.48 1.57 -29.05
C HIS B 238 19.31 0.05 -28.95
N PRO B 239 18.11 -0.44 -29.32
CA PRO B 239 17.75 -1.83 -29.11
C PRO B 239 18.71 -2.84 -29.72
N ASP B 240 18.79 -2.88 -31.05
CA ASP B 240 19.55 -3.93 -31.73
C ASP B 240 20.86 -4.28 -30.99
N LYS B 241 21.14 -3.61 -29.88
CA LYS B 241 22.34 -3.91 -29.11
C LYS B 241 22.02 -4.24 -27.67
N TRP B 242 20.90 -4.91 -27.48
CA TRP B 242 20.50 -5.44 -26.18
C TRP B 242 20.69 -6.93 -26.26
N THR B 243 21.94 -7.38 -26.11
CA THR B 243 22.22 -8.82 -26.11
C THR B 243 22.17 -9.41 -24.68
N VAL B 244 22.48 -10.70 -24.58
CA VAL B 244 22.27 -11.48 -23.35
C VAL B 244 23.04 -11.03 -22.11
N GLN B 245 22.50 -11.37 -20.95
CA GLN B 245 23.24 -11.38 -19.69
C GLN B 245 23.57 -12.84 -19.31
N PRO B 246 24.51 -13.47 -20.06
CA PRO B 246 24.81 -14.90 -19.86
C PRO B 246 25.26 -15.23 -18.44
N ILE B 247 24.64 -16.22 -17.80
CA ILE B 247 25.07 -16.67 -16.48
C ILE B 247 26.53 -17.06 -16.55
N VAL B 248 27.32 -16.51 -15.63
CA VAL B 248 28.78 -16.64 -15.70
C VAL B 248 29.35 -17.52 -14.60
N LEU B 249 30.26 -18.41 -14.98
CA LEU B 249 30.95 -19.26 -14.03
C LEU B 249 32.36 -18.71 -13.88
N PRO B 250 33.00 -18.98 -12.75
CA PRO B 250 34.35 -18.45 -12.56
C PRO B 250 35.44 -19.23 -13.30
N GLU B 251 36.43 -18.51 -13.85
CA GLU B 251 37.71 -19.13 -14.19
C GLU B 251 38.68 -18.77 -13.07
N LYS B 252 39.69 -19.61 -12.87
CA LYS B 252 40.63 -19.44 -11.77
C LYS B 252 41.46 -20.69 -11.62
N ASP B 253 42.76 -20.52 -11.41
CA ASP B 253 43.63 -21.65 -11.13
C ASP B 253 43.64 -21.83 -9.61
N SER B 254 43.29 -23.03 -9.18
CA SER B 254 42.99 -23.32 -7.77
C SER B 254 41.47 -23.34 -7.55
N TRP B 255 41.00 -24.45 -7.01
CA TRP B 255 39.57 -24.66 -6.77
C TRP B 255 39.34 -25.33 -5.43
N THR B 256 38.82 -24.58 -4.47
CA THR B 256 38.58 -25.13 -3.15
C THR B 256 37.34 -26.03 -3.14
N VAL B 257 37.25 -26.87 -2.12
CA VAL B 257 36.10 -27.75 -1.93
C VAL B 257 34.85 -26.86 -1.99
N ASN B 258 34.93 -25.76 -1.24
CA ASN B 258 33.87 -24.77 -1.17
C ASN B 258 33.52 -24.18 -2.54
N ASP B 259 34.54 -23.77 -3.28
CA ASP B 259 34.35 -23.18 -4.59
C ASP B 259 33.62 -24.13 -5.50
N ILE B 260 34.05 -25.38 -5.50
CA ILE B 260 33.42 -26.37 -6.35
C ILE B 260 31.99 -26.55 -5.89
N GLN B 261 31.82 -26.67 -4.58
CA GLN B 261 30.50 -26.79 -3.99
C GLN B 261 29.59 -25.74 -4.57
N LYS B 262 30.08 -24.50 -4.53
CA LYS B 262 29.34 -23.37 -5.08
C LYS B 262 29.17 -23.51 -6.58
N LEU B 263 30.22 -23.93 -7.27
CA LEU B 263 30.16 -24.06 -8.71
C LEU B 263 29.11 -25.07 -9.20
N VAL B 264 28.87 -26.12 -8.43
CA VAL B 264 27.84 -27.10 -8.80
C VAL B 264 26.44 -26.69 -8.35
N GLY B 265 26.38 -25.88 -7.30
CA GLY B 265 25.11 -25.32 -6.88
C GLY B 265 24.61 -24.47 -8.03
N LYS B 266 25.48 -23.55 -8.46
CA LYS B 266 25.16 -22.67 -9.56
C LYS B 266 24.91 -23.47 -10.82
N LEU B 267 25.80 -24.42 -11.10
CA LEU B 267 25.72 -25.27 -12.28
C LEU B 267 24.41 -26.03 -12.27
N ASN B 268 24.16 -26.66 -11.13
CA ASN B 268 22.93 -27.38 -10.88
C ASN B 268 21.69 -26.55 -11.20
N TRP B 269 21.56 -25.41 -10.55
CA TRP B 269 20.42 -24.53 -10.80
C TRP B 269 20.30 -24.12 -12.27
N ALA B 270 21.43 -23.97 -12.94
CA ALA B 270 21.45 -23.45 -14.31
C ALA B 270 20.59 -24.29 -15.26
N SER B 271 20.75 -25.61 -15.21
CA SER B 271 19.87 -26.46 -15.97
C SER B 271 18.51 -26.34 -15.29
N GLN B 272 17.47 -26.86 -15.92
CA GLN B 272 16.11 -26.54 -15.51
C GLN B 272 15.58 -25.52 -16.49
N ILE B 273 16.49 -24.69 -16.97
CA ILE B 273 16.22 -23.79 -18.08
C ILE B 273 17.19 -24.10 -19.21
N TYR B 274 18.41 -24.48 -18.87
CA TYR B 274 19.42 -24.75 -19.89
C TYR B 274 19.53 -26.20 -20.35
N PRO B 275 18.82 -26.52 -21.44
CA PRO B 275 18.73 -27.87 -22.00
C PRO B 275 20.06 -28.61 -22.04
N GLY B 276 20.26 -29.53 -21.10
CA GLY B 276 21.41 -30.43 -21.15
C GLY B 276 22.70 -29.87 -20.59
N ILE B 277 22.60 -29.26 -19.42
CA ILE B 277 23.79 -28.85 -18.67
C ILE B 277 24.29 -30.07 -17.93
N LYS B 278 25.60 -30.20 -17.73
CA LYS B 278 26.15 -31.41 -17.11
C LYS B 278 26.97 -31.10 -15.86
N VAL B 279 26.98 -32.03 -14.91
CA VAL B 279 27.66 -31.83 -13.62
C VAL B 279 28.42 -33.07 -13.12
N ARG B 280 28.02 -34.25 -13.61
CA ARG B 280 28.65 -35.54 -13.24
C ARG B 280 30.15 -35.41 -12.97
N GLN B 281 30.91 -35.18 -14.04
CA GLN B 281 32.35 -35.01 -13.96
C GLN B 281 32.71 -34.06 -12.82
N LEU B 282 32.31 -32.81 -13.00
CA LEU B 282 32.50 -31.80 -11.98
C LEU B 282 32.23 -32.42 -10.61
N CYS B 283 31.10 -33.12 -10.52
CA CYS B 283 30.63 -33.65 -9.24
C CYS B 283 31.61 -34.60 -8.54
N LYS B 284 31.99 -35.67 -9.25
CA LYS B 284 32.93 -36.65 -8.71
C LYS B 284 34.01 -36.04 -7.81
N LEU B 285 34.54 -34.89 -8.22
CA LEU B 285 35.65 -34.27 -7.53
C LEU B 285 35.45 -34.33 -6.01
N LEU B 286 34.20 -34.16 -5.58
CA LEU B 286 33.84 -34.16 -4.15
C LEU B 286 33.18 -35.46 -3.71
N ARG B 287 33.84 -36.22 -2.86
CA ARG B 287 33.28 -37.46 -2.31
C ARG B 287 34.03 -37.84 -1.04
N GLY B 288 33.30 -38.34 -0.06
CA GLY B 288 33.80 -38.42 1.30
C GLY B 288 33.37 -37.12 1.96
N THR B 289 33.95 -36.78 3.09
CA THR B 289 33.58 -35.55 3.77
C THR B 289 34.81 -34.71 4.13
N LYS B 290 35.23 -33.90 3.17
CA LYS B 290 36.49 -33.16 3.27
C LYS B 290 36.33 -31.80 3.94
N ALA B 291 37.44 -31.22 4.36
CA ALA B 291 37.44 -29.83 4.83
C ALA B 291 37.03 -28.92 3.67
N LEU B 292 36.34 -27.83 3.98
CA LEU B 292 35.88 -26.90 2.95
C LEU B 292 37.04 -26.16 2.31
N THR B 293 38.03 -25.82 3.13
CA THR B 293 39.16 -25.00 2.70
C THR B 293 40.27 -25.84 2.05
N GLU B 294 39.92 -27.00 1.51
CA GLU B 294 40.91 -27.88 0.93
C GLU B 294 40.86 -27.78 -0.58
N VAL B 295 41.94 -27.27 -1.17
CA VAL B 295 42.06 -27.20 -2.62
C VAL B 295 41.98 -28.59 -3.20
N ILE B 296 41.63 -28.70 -4.47
CA ILE B 296 41.73 -29.97 -5.14
C ILE B 296 42.01 -29.77 -6.62
N PRO B 297 42.76 -30.71 -7.21
CA PRO B 297 43.16 -30.64 -8.61
C PRO B 297 41.92 -30.67 -9.48
N LEU B 298 42.08 -30.95 -10.75
CA LEU B 298 40.92 -31.11 -11.62
C LEU B 298 41.17 -32.17 -12.67
N THR B 299 40.09 -32.84 -13.06
CA THR B 299 40.12 -33.71 -14.21
C THR B 299 39.66 -32.89 -15.42
N GLU B 300 40.48 -32.83 -16.46
CA GLU B 300 40.25 -31.92 -17.58
C GLU B 300 39.02 -32.26 -18.42
N GLU B 301 38.30 -33.32 -18.03
CA GLU B 301 37.01 -33.65 -18.64
C GLU B 301 35.91 -32.91 -17.87
N ALA B 302 36.25 -32.51 -16.64
CA ALA B 302 35.43 -31.61 -15.87
C ALA B 302 35.49 -30.22 -16.52
N GLU B 303 36.69 -29.84 -16.95
CA GLU B 303 36.91 -28.60 -17.71
C GLU B 303 36.16 -28.65 -19.04
N LEU B 304 35.92 -29.87 -19.52
CA LEU B 304 35.16 -30.05 -20.75
C LEU B 304 33.71 -29.60 -20.55
N GLU B 305 33.08 -30.09 -19.48
CA GLU B 305 31.75 -29.61 -19.08
C GLU B 305 31.76 -28.10 -18.94
N LEU B 306 32.38 -27.62 -17.86
CA LEU B 306 32.57 -26.19 -17.64
C LEU B 306 32.39 -25.44 -18.94
N ALA B 307 33.34 -25.64 -19.86
CA ALA B 307 33.43 -24.84 -21.08
C ALA B 307 32.16 -24.91 -21.93
N GLU B 308 31.65 -26.13 -22.13
CA GLU B 308 30.41 -26.30 -22.89
C GLU B 308 29.26 -25.64 -22.15
N ASN B 309 29.07 -26.05 -20.90
CA ASN B 309 28.17 -25.33 -20.03
C ASN B 309 28.29 -23.84 -20.31
N ARG B 310 29.47 -23.27 -20.02
CA ARG B 310 29.76 -21.88 -20.37
C ARG B 310 29.29 -21.66 -21.79
N GLU B 311 29.87 -22.42 -22.71
CA GLU B 311 29.49 -22.34 -24.10
C GLU B 311 27.98 -22.24 -24.22
N ILE B 312 27.26 -23.06 -23.48
CA ILE B 312 25.80 -22.99 -23.50
C ILE B 312 25.32 -21.73 -22.79
N LEU B 313 25.78 -21.56 -21.56
CA LEU B 313 25.32 -20.47 -20.68
C LEU B 313 25.29 -19.08 -21.31
N LYS B 314 25.74 -18.98 -22.57
CA LYS B 314 25.78 -17.71 -23.28
C LYS B 314 24.81 -17.74 -24.45
N GLU B 315 23.99 -18.79 -24.50
CA GLU B 315 23.13 -19.03 -25.65
C GLU B 315 21.64 -18.79 -25.39
N PRO B 316 20.97 -18.14 -26.33
CA PRO B 316 19.51 -18.05 -26.26
C PRO B 316 18.92 -19.36 -25.73
N VAL B 317 17.99 -19.29 -24.79
CA VAL B 317 17.32 -20.49 -24.33
C VAL B 317 16.77 -21.18 -25.58
N HIS B 318 17.04 -22.47 -25.72
CA HIS B 318 16.44 -23.17 -26.82
C HIS B 318 14.98 -23.50 -26.46
N GLY B 319 14.04 -23.05 -27.28
CA GLY B 319 12.66 -23.48 -27.13
C GLY B 319 11.69 -22.56 -26.43
N VAL B 320 12.13 -21.36 -26.05
CA VAL B 320 11.23 -20.45 -25.33
C VAL B 320 10.75 -19.32 -26.23
N TYR B 321 9.45 -19.05 -26.22
CA TYR B 321 8.85 -18.14 -27.17
C TYR B 321 7.79 -17.28 -26.51
N TYR B 322 7.78 -15.99 -26.83
CA TYR B 322 6.72 -15.13 -26.37
C TYR B 322 5.36 -15.76 -26.63
N ASP B 323 4.55 -15.91 -25.61
CA ASP B 323 3.17 -16.27 -25.89
C ASP B 323 2.25 -15.08 -25.54
N PRO B 324 1.69 -14.45 -26.59
CA PRO B 324 0.95 -13.18 -26.60
C PRO B 324 -0.25 -13.21 -25.70
N SER B 325 -0.69 -14.41 -25.33
CA SER B 325 -1.91 -14.53 -24.56
C SER B 325 -1.58 -14.63 -23.08
N LYS B 326 -0.29 -14.68 -22.75
CA LYS B 326 0.11 -14.73 -21.35
C LYS B 326 0.82 -13.47 -20.87
N ASP B 327 0.66 -13.16 -19.58
CA ASP B 327 1.32 -12.05 -18.92
C ASP B 327 2.83 -12.20 -18.94
N LEU B 328 3.52 -11.08 -18.82
CA LEU B 328 4.95 -11.07 -18.68
C LEU B 328 5.29 -10.79 -17.23
N ILE B 329 6.33 -11.46 -16.74
CA ILE B 329 6.72 -11.30 -15.36
C ILE B 329 8.16 -10.85 -15.33
N ALA B 330 8.48 -9.96 -14.39
CA ALA B 330 9.86 -9.56 -14.20
C ALA B 330 10.29 -9.72 -12.75
N GLU B 331 11.44 -10.33 -12.53
CA GLU B 331 12.00 -10.40 -11.20
C GLU B 331 13.26 -9.57 -11.15
N ILE B 332 13.58 -9.01 -10.00
CA ILE B 332 14.73 -8.16 -9.87
C ILE B 332 15.41 -8.54 -8.59
N GLN B 333 16.70 -8.84 -8.64
CA GLN B 333 17.44 -9.09 -7.41
C GLN B 333 18.38 -7.96 -7.15
N LYS B 334 18.47 -7.54 -5.89
CA LYS B 334 19.49 -6.61 -5.45
C LYS B 334 20.86 -7.30 -5.35
N GLN B 335 21.91 -6.67 -5.88
CA GLN B 335 23.24 -7.29 -5.89
C GLN B 335 24.32 -6.46 -5.18
N GLY B 336 23.92 -5.43 -4.45
CA GLY B 336 24.88 -4.53 -3.79
C GLY B 336 25.68 -3.74 -4.79
N GLN B 337 26.56 -2.88 -4.28
CA GLN B 337 27.45 -2.04 -5.11
C GLN B 337 26.70 -1.48 -6.30
N GLY B 338 25.48 -1.02 -6.06
CA GLY B 338 24.67 -0.35 -7.09
C GLY B 338 24.19 -1.24 -8.22
N GLN B 339 24.19 -2.55 -8.03
CA GLN B 339 23.84 -3.42 -9.14
C GLN B 339 22.58 -4.22 -8.91
N TRP B 340 21.87 -4.46 -10.00
CA TRP B 340 20.60 -5.14 -9.93
C TRP B 340 20.50 -6.06 -11.12
N THR B 341 20.03 -7.28 -10.88
CA THR B 341 19.80 -8.19 -11.97
C THR B 341 18.33 -8.40 -12.15
N TYR B 342 17.94 -8.84 -13.35
CA TYR B 342 16.54 -9.09 -13.61
C TYR B 342 16.24 -10.08 -14.73
N GLN B 343 15.11 -10.74 -14.58
CA GLN B 343 14.70 -11.70 -15.59
C GLN B 343 13.24 -11.44 -15.99
N ILE B 344 12.96 -11.51 -17.28
CA ILE B 344 11.61 -11.45 -17.77
C ILE B 344 11.27 -12.82 -18.29
N TYR B 345 10.07 -13.29 -17.96
CA TYR B 345 9.64 -14.61 -18.37
C TYR B 345 8.14 -14.71 -18.19
N GLN B 346 7.52 -15.71 -18.81
CA GLN B 346 6.09 -15.96 -18.63
C GLN B 346 5.87 -17.24 -17.81
N GLU B 347 6.81 -18.17 -17.94
CA GLU B 347 6.79 -19.45 -17.22
C GLU B 347 8.10 -19.60 -16.48
N PRO B 348 8.03 -19.90 -15.17
CA PRO B 348 9.25 -19.88 -14.36
C PRO B 348 10.42 -20.61 -15.02
N PHE B 349 11.62 -20.09 -14.82
CA PHE B 349 12.83 -20.61 -15.44
C PHE B 349 12.82 -20.71 -16.97
N LYS B 350 11.79 -20.16 -17.62
CA LYS B 350 11.83 -20.03 -19.09
C LYS B 350 12.02 -18.57 -19.50
N ASN B 351 13.21 -18.04 -19.22
CA ASN B 351 13.48 -16.62 -19.43
C ASN B 351 13.40 -16.15 -20.89
N LEU B 352 12.58 -15.14 -21.15
CA LEU B 352 12.53 -14.50 -22.45
C LEU B 352 13.69 -13.53 -22.56
N LYS B 353 14.30 -13.20 -21.42
CA LYS B 353 15.29 -12.15 -21.41
C LYS B 353 15.80 -11.89 -20.00
N THR B 354 17.06 -11.49 -19.91
CA THR B 354 17.70 -11.23 -18.62
C THR B 354 18.69 -10.12 -18.83
N GLY B 355 19.04 -9.41 -17.76
CA GLY B 355 19.97 -8.30 -17.89
C GLY B 355 20.35 -7.78 -16.54
N LYS B 356 21.06 -6.68 -16.52
CA LYS B 356 21.37 -5.99 -15.26
C LYS B 356 21.13 -4.51 -15.42
N TYR B 357 20.97 -3.83 -14.29
CA TYR B 357 20.92 -2.37 -14.31
C TYR B 357 21.91 -1.89 -13.27
N ALA B 358 22.63 -0.83 -13.59
CA ALA B 358 23.71 -0.37 -12.70
C ALA B 358 23.72 1.13 -12.53
N ARG B 359 23.89 1.59 -11.30
CA ARG B 359 24.12 3.00 -11.11
C ARG B 359 25.36 3.32 -11.93
N HIS B 364 24.90 9.91 -5.39
CA HIS B 364 23.81 10.20 -4.46
C HIS B 364 22.55 9.40 -4.87
N THR B 365 22.61 8.09 -4.69
CA THR B 365 21.53 7.22 -5.12
C THR B 365 21.30 6.11 -4.12
N ASN B 366 20.10 6.08 -3.54
CA ASN B 366 19.71 5.08 -2.57
C ASN B 366 19.13 3.84 -3.23
N ASP B 367 18.68 2.89 -2.43
CA ASP B 367 18.19 1.63 -2.95
C ASP B 367 16.88 1.78 -3.70
N VAL B 368 15.97 2.59 -3.16
CA VAL B 368 14.65 2.76 -3.75
C VAL B 368 14.75 3.53 -5.07
N LYS B 369 15.58 4.56 -5.07
CA LYS B 369 15.80 5.32 -6.27
C LYS B 369 16.24 4.42 -7.43
N GLN B 370 17.22 3.58 -7.20
CA GLN B 370 17.74 2.71 -8.25
C GLN B 370 16.73 1.67 -8.69
N LEU B 371 16.04 1.09 -7.72
CA LEU B 371 15.02 0.10 -8.04
C LEU B 371 13.99 0.72 -8.98
N THR B 372 13.54 1.93 -8.65
CA THR B 372 12.60 2.65 -9.49
C THR B 372 13.14 2.86 -10.91
N GLU B 373 14.41 3.19 -11.04
CA GLU B 373 15.01 3.34 -12.35
C GLU B 373 15.05 2.03 -13.13
N ALA B 374 15.46 0.96 -12.48
CA ALA B 374 15.51 -0.33 -13.13
C ALA B 374 14.11 -0.72 -13.62
N VAL B 375 13.13 -0.59 -12.73
CA VAL B 375 11.73 -0.88 -13.08
C VAL B 375 11.31 -0.16 -14.38
N GLN B 376 11.61 1.14 -14.46
CA GLN B 376 11.24 1.89 -15.67
C GLN B 376 11.99 1.37 -16.89
N LYS B 377 13.30 1.30 -16.76
CA LYS B 377 14.08 0.83 -17.89
C LYS B 377 13.53 -0.51 -18.42
N ILE B 378 13.30 -1.47 -17.52
CA ILE B 378 12.86 -2.79 -17.95
C ILE B 378 11.51 -2.69 -18.64
N THR B 379 10.63 -1.84 -18.11
CA THR B 379 9.32 -1.72 -18.68
C THR B 379 9.47 -1.28 -20.12
N THR B 380 10.29 -0.26 -20.34
CA THR B 380 10.31 0.34 -21.66
C THR B 380 10.97 -0.65 -22.62
N GLU B 381 11.90 -1.47 -22.13
CA GLU B 381 12.43 -2.50 -23.01
C GLU B 381 11.32 -3.44 -23.35
N SER B 382 10.57 -3.78 -22.33
CA SER B 382 9.49 -4.69 -22.52
C SER B 382 8.46 -4.09 -23.49
N ILE B 383 8.27 -2.78 -23.46
CA ILE B 383 7.33 -2.18 -24.41
C ILE B 383 7.84 -2.30 -25.85
N VAL B 384 9.13 -2.09 -26.05
CA VAL B 384 9.67 -2.10 -27.37
C VAL B 384 9.59 -3.50 -27.96
N ILE B 385 10.04 -4.47 -27.19
CA ILE B 385 10.05 -5.85 -27.65
C ILE B 385 8.65 -6.40 -27.83
N TRP B 386 7.81 -6.38 -26.80
CA TRP B 386 6.53 -7.08 -26.88
C TRP B 386 5.31 -6.17 -26.99
N GLY B 387 5.47 -4.91 -26.63
CA GLY B 387 4.32 -4.03 -26.67
C GLY B 387 3.37 -4.33 -25.53
N LYS B 388 3.88 -4.92 -24.46
CA LYS B 388 3.12 -4.89 -23.23
C LYS B 388 4.06 -4.84 -22.02
N THR B 389 3.58 -4.35 -20.89
CA THR B 389 4.49 -4.19 -19.77
C THR B 389 4.43 -5.41 -18.85
N PRO B 390 5.52 -5.70 -18.11
CA PRO B 390 5.54 -6.92 -17.28
C PRO B 390 4.95 -6.67 -15.91
N LYS B 391 4.47 -7.72 -15.26
CA LYS B 391 4.07 -7.62 -13.87
C LYS B 391 5.31 -7.85 -13.03
N PHE B 392 5.67 -6.88 -12.19
CA PHE B 392 6.94 -6.89 -11.47
C PHE B 392 6.84 -7.52 -10.08
N LYS B 393 7.87 -8.29 -9.72
CA LYS B 393 8.02 -8.83 -8.37
C LYS B 393 9.12 -8.08 -7.63
N LEU B 394 8.74 -7.15 -6.77
CA LEU B 394 9.70 -6.20 -6.16
C LEU B 394 10.30 -6.64 -4.82
N PRO B 395 11.64 -6.64 -4.72
CA PRO B 395 12.32 -7.05 -3.49
C PRO B 395 12.36 -5.93 -2.46
N ILE B 396 11.20 -5.54 -1.95
CA ILE B 396 11.09 -4.34 -1.13
C ILE B 396 9.76 -4.37 -0.38
N GLN B 397 9.67 -3.65 0.74
CA GLN B 397 8.47 -3.69 1.56
C GLN B 397 7.47 -2.71 1.02
N LYS B 398 6.26 -3.21 0.76
CA LYS B 398 5.16 -2.44 0.20
C LYS B 398 5.16 -0.97 0.60
N GLU B 399 5.19 -0.72 1.90
CA GLU B 399 4.98 0.63 2.38
C GLU B 399 6.10 1.50 1.93
N THR B 400 7.32 0.95 1.90
CA THR B 400 8.44 1.77 1.51
C THR B 400 8.29 2.12 0.05
N TRP B 401 7.99 1.10 -0.74
CA TRP B 401 7.87 1.32 -2.15
C TRP B 401 6.81 2.40 -2.36
N GLU B 402 5.66 2.21 -1.72
CA GLU B 402 4.51 3.07 -2.02
C GLU B 402 4.72 4.50 -1.60
N THR B 403 5.38 4.66 -0.47
CA THR B 403 5.68 5.99 -0.02
C THR B 403 6.76 6.65 -0.87
N TRP B 404 7.64 5.87 -1.51
CA TRP B 404 8.80 6.51 -2.18
C TRP B 404 8.82 6.61 -3.72
N TRP B 405 8.17 5.68 -4.41
CA TRP B 405 8.45 5.52 -5.83
C TRP B 405 8.20 6.75 -6.69
N THR B 406 7.20 7.54 -6.34
CA THR B 406 6.86 8.69 -7.19
C THR B 406 7.92 9.74 -7.09
N GLU B 407 8.71 9.68 -6.02
CA GLU B 407 9.80 10.63 -5.84
C GLU B 407 10.79 10.54 -6.99
N TYR B 408 10.80 9.41 -7.69
CA TYR B 408 11.78 9.18 -8.75
C TYR B 408 11.14 8.76 -10.07
N TRP B 409 9.90 8.26 -10.00
CA TRP B 409 9.19 7.86 -11.22
C TRP B 409 9.16 8.95 -12.28
N GLN B 410 9.36 8.59 -13.54
CA GLN B 410 9.39 9.59 -14.57
C GLN B 410 8.56 9.25 -15.80
N ALA B 411 8.10 8.02 -15.88
CA ALA B 411 7.34 7.60 -17.03
C ALA B 411 5.90 8.03 -16.82
N THR B 412 5.10 7.95 -17.90
CA THR B 412 3.73 8.39 -17.81
C THR B 412 2.80 7.20 -17.67
N TRP B 413 3.35 5.99 -17.72
CA TRP B 413 2.59 4.79 -17.38
C TRP B 413 3.04 4.21 -16.04
N ILE B 414 2.30 3.20 -15.57
CA ILE B 414 2.68 2.45 -14.38
C ILE B 414 2.43 0.96 -14.52
N PRO B 415 3.48 0.14 -14.41
CA PRO B 415 3.30 -1.30 -14.51
C PRO B 415 2.65 -1.88 -13.24
N GLU B 416 2.16 -3.12 -13.30
CA GLU B 416 1.75 -3.83 -12.09
C GLU B 416 2.94 -4.36 -11.29
N TRP B 417 2.74 -4.51 -9.99
CA TRP B 417 3.82 -5.01 -9.14
C TRP B 417 3.33 -5.73 -7.90
N GLU B 418 4.13 -6.67 -7.41
CA GLU B 418 3.88 -7.36 -6.16
C GLU B 418 5.09 -7.10 -5.29
N PHE B 419 5.07 -7.61 -4.07
CA PHE B 419 6.27 -7.53 -3.24
C PHE B 419 6.75 -8.90 -2.79
N VAL B 420 8.05 -9.09 -2.69
CA VAL B 420 8.54 -10.43 -2.44
C VAL B 420 9.83 -10.44 -1.64
N ASN B 421 10.20 -11.63 -1.19
CA ASN B 421 11.50 -11.89 -0.57
C ASN B 421 12.37 -12.74 -1.47
N THR B 422 13.49 -12.19 -1.91
CA THR B 422 14.39 -12.94 -2.79
C THR B 422 14.85 -14.27 -2.14
N PRO B 423 14.68 -15.39 -2.86
CA PRO B 423 15.42 -16.57 -2.43
C PRO B 423 16.91 -16.21 -2.35
N PRO B 424 17.60 -16.70 -1.31
CA PRO B 424 19.02 -16.40 -1.06
C PRO B 424 19.90 -16.80 -2.26
N LEU B 425 19.53 -17.91 -2.88
CA LEU B 425 20.32 -18.54 -3.92
C LEU B 425 20.16 -17.85 -5.29
N VAL B 426 18.92 -17.62 -5.70
CA VAL B 426 18.64 -16.81 -6.88
C VAL B 426 19.66 -15.65 -7.01
N LYS B 427 19.93 -14.97 -5.90
CA LYS B 427 20.83 -13.81 -5.90
C LYS B 427 22.23 -14.08 -6.47
N LEU B 428 22.84 -15.17 -6.03
CA LEU B 428 24.19 -15.53 -6.48
C LEU B 428 24.15 -16.26 -7.82
N TRP B 429 23.14 -17.11 -8.03
CA TRP B 429 22.99 -17.81 -9.31
C TRP B 429 22.81 -16.83 -10.47
N TYR B 430 22.66 -15.55 -10.15
CA TYR B 430 22.60 -14.51 -11.17
C TYR B 430 23.69 -13.47 -11.00
N GLN B 431 24.57 -13.68 -10.02
CA GLN B 431 25.71 -12.80 -9.84
C GLN B 431 26.61 -12.84 -11.08
CL30 RT7 C . -11.80 18.69 15.17
C4 RT7 C . -11.15 20.33 14.99
C3 RT7 C . -11.16 21.11 16.11
C2 RT7 C . -10.67 22.40 16.07
CL29 RT7 C . -10.71 23.34 17.62
C5 RT7 C . -10.67 20.73 13.76
C6 RT7 C . -10.17 22.00 13.60
C10 RT7 C . -9.65 22.43 12.25
C9 RT7 C . -9.25 23.89 12.25
C8 RT7 C . -9.98 24.74 13.30
N7 RT7 C . -9.63 24.16 14.60
C1 RT7 C . -10.14 22.90 14.78
C11 RT7 C . -8.87 24.78 15.51
O22 RT7 C . -8.89 26.00 15.58
S12 RT7 C . -7.88 23.92 16.59
C13 RT7 C . -6.44 24.74 17.24
C14 RT7 C . -6.73 25.88 18.20
O23 RT7 C . -6.15 26.93 18.00
N15 RT7 C . -7.55 25.67 19.24
C16 RT7 C . -8.21 26.67 19.85
C17 RT7 C . -9.34 26.41 20.78
CL24 RT7 C . -9.83 24.73 21.13
C18 RT7 C . -9.99 27.47 21.39
C19 RT7 C . -9.60 28.79 21.15
S25 RT7 C . -10.37 30.05 21.84
N28 RT7 C . -11.67 30.35 20.94
O27 RT7 C . -10.75 29.70 23.19
O26 RT7 C . -9.55 31.23 21.82
C20 RT7 C . -8.54 29.03 20.27
C21 RT7 C . -7.86 27.99 19.63
#